data_5GTD
#
_entry.id   5GTD
#
_cell.length_a   121.814
_cell.length_b   121.814
_cell.length_c   98.563
_cell.angle_alpha   90.00
_cell.angle_beta   90.00
_cell.angle_gamma   90.00
#
_symmetry.space_group_name_H-M   'P 43'
#
loop_
_entity.id
_entity.type
_entity.pdbx_description
1 polymer '2-succinylbenzoate--CoA ligase'
2 non-polymer 'CHLORIDE ION'
3 non-polymer DI(HYDROXYETHYL)ETHER
4 non-polymer 'ADENOSINE MONOPHOSPHATE'
5 non-polymer 2-SUCCINYLBENZOATE
6 non-polymer 'MAGNESIUM ION'
7 non-polymer IMIDAZOLE
8 water water
#
_entity_poly.entity_id   1
_entity_poly.type   'polypeptide(L)'
_entity_poly.pdbx_seq_one_letter_code
;MGMLTEQPNWLMQRAQLTPERIALIYEDQTVTFAELFAASKRMAEQLAAHSVRKGDTAAILLQNRAEMVYAVHACFLLGV
KAVLLNTKLSTHERLFQLEDSGSGFLLTDSSFEKKEYEHIVQTIDVDELMKEAAEEIEIEAYMQMDATATLMYTSGTTGK
PKGVQQTFGNHYFSAVSSALNLGITEQDRWLIALPLFHISGLSALFKSVIYGMTVVLHQRFSVSDVLHSINRHEVTMISA
VQTMLASLLEETNRCPESIRCILLGGGPAPLPLLEECREKGFPVFQSYGMTETCSQIVTLSPEFSMEKLGSAGKPLFSCE
IKIERDGQVCEPYEHGEIMVKGPNVMKSYFNRESANEASFQNGWLKTGDLGYLDNEGFLYVLDRRSDLIISGGENIYPAE
VESVLLSHPAVAEAGVSGAEDKKWGKVPHAYLVLHKPVSAGELTDYCKERLAKYKIPAKFFVLDRLPRNASNKLLRNQLK
DARKGELLHHHHHH
;
_entity_poly.pdbx_strand_id   A,B
#
loop_
_chem_comp.id
_chem_comp.type
_chem_comp.name
_chem_comp.formula
AMP non-polymer 'ADENOSINE MONOPHOSPHATE' 'C10 H14 N5 O7 P'
CL non-polymer 'CHLORIDE ION' 'Cl -1'
IMD non-polymer IMIDAZOLE 'C3 H5 N2 1'
MG non-polymer 'MAGNESIUM ION' 'Mg 2'
OSB non-polymer 2-SUCCINYLBENZOATE 'C11 H10 O5'
PEG non-polymer DI(HYDROXYETHYL)ETHER 'C4 H10 O3'
#
# COMPACT_ATOMS: atom_id res chain seq x y z
CA LEU A 4 -1.65 13.90 7.94
C LEU A 4 -1.61 14.62 6.59
N THR A 5 -0.75 15.64 6.50
CA THR A 5 -0.62 16.40 5.26
C THR A 5 0.81 16.39 4.73
N GLU A 6 1.74 15.86 5.52
CA GLU A 6 3.14 15.79 5.10
C GLU A 6 3.92 14.65 5.74
N GLN A 7 4.92 14.17 5.00
CA GLN A 7 5.85 13.17 5.49
C GLN A 7 7.27 13.64 5.18
N PRO A 8 8.26 13.20 5.96
CA PRO A 8 9.65 13.45 5.58
C PRO A 8 9.93 12.89 4.19
N ASN A 9 10.77 13.56 3.42
CA ASN A 9 11.18 13.06 2.11
C ASN A 9 11.60 11.61 2.23
N TRP A 10 11.03 10.77 1.37
CA TRP A 10 11.22 9.33 1.46
C TRP A 10 12.69 8.94 1.35
N LEU A 11 13.38 9.49 0.35
CA LEU A 11 14.79 9.19 0.12
C LEU A 11 15.66 9.72 1.25
N MET A 12 15.37 10.94 1.70
CA MET A 12 16.12 11.54 2.81
C MET A 12 16.05 10.68 4.06
N GLN A 13 14.83 10.30 4.45
CA GLN A 13 14.63 9.50 5.65
C GLN A 13 15.20 8.10 5.49
N ARG A 14 15.01 7.51 4.31
CA ARG A 14 15.53 6.18 4.03
C ARG A 14 17.06 6.17 4.11
N ALA A 15 17.68 7.24 3.62
CA ALA A 15 19.12 7.40 3.73
C ALA A 15 19.53 7.54 5.20
N GLN A 16 18.70 8.23 5.97
CA GLN A 16 18.96 8.45 7.40
C GLN A 16 18.87 7.15 8.20
N LEU A 17 17.94 6.28 7.82
CA LEU A 17 17.66 5.07 8.57
C LEU A 17 18.61 3.92 8.19
N THR A 18 18.61 3.56 6.91
CA THR A 18 19.48 2.49 6.42
C THR A 18 20.36 3.01 5.29
N PRO A 19 21.47 3.67 5.65
CA PRO A 19 22.35 4.34 4.69
C PRO A 19 23.02 3.39 3.71
N GLU A 20 23.38 2.20 4.18
CA GLU A 20 24.21 1.29 3.40
C GLU A 20 23.44 0.15 2.74
N ARG A 21 22.12 0.26 2.69
CA ARG A 21 21.32 -0.65 1.90
C ARG A 21 21.45 -0.25 0.44
N ILE A 22 21.45 -1.23 -0.46
CA ILE A 22 21.52 -0.94 -1.88
C ILE A 22 20.20 -0.38 -2.39
N ALA A 23 20.24 0.81 -2.97
CA ALA A 23 19.05 1.44 -3.52
C ALA A 23 18.80 0.98 -4.95
N LEU A 24 19.87 0.97 -5.74
CA LEU A 24 19.76 0.75 -7.18
C LEU A 24 20.88 -0.15 -7.69
N ILE A 25 20.53 -1.18 -8.42
CA ILE A 25 21.54 -1.92 -9.13
C ILE A 25 21.32 -1.73 -10.62
N TYR A 26 22.24 -1.03 -11.29
CA TYR A 26 22.19 -0.86 -12.73
C TYR A 26 23.52 -1.16 -13.39
N GLU A 27 23.54 -2.06 -14.37
CA GLU A 27 24.75 -2.31 -15.12
C GLU A 27 25.81 -2.88 -14.21
N ASP A 28 25.37 -3.48 -13.13
CA ASP A 28 26.27 -4.18 -12.23
C ASP A 28 26.97 -3.20 -11.31
N GLN A 29 26.76 -1.90 -11.50
CA GLN A 29 27.23 -0.93 -10.52
C GLN A 29 26.18 -0.84 -9.41
N THR A 30 26.56 -0.45 -8.21
CA THR A 30 25.62 -0.35 -7.11
C THR A 30 25.52 1.07 -6.59
N VAL A 31 24.34 1.45 -6.11
CA VAL A 31 24.15 2.76 -5.50
C VAL A 31 23.37 2.61 -4.20
N THR A 32 23.99 3.01 -3.08
CA THR A 32 23.32 2.96 -1.79
C THR A 32 22.31 4.09 -1.67
N PHE A 33 21.44 4.00 -0.67
CA PHE A 33 20.45 5.04 -0.44
C PHE A 33 21.12 6.36 -0.07
N ALA A 34 22.17 6.27 0.75
CA ALA A 34 22.95 7.45 1.09
C ALA A 34 23.58 8.06 -0.16
N GLU A 35 24.09 7.19 -1.04
CA GLU A 35 24.66 7.63 -2.31
C GLU A 35 23.58 8.20 -3.22
N LEU A 36 22.44 7.52 -3.29
CA LEU A 36 21.32 7.96 -4.11
C LEU A 36 20.84 9.34 -3.68
N PHE A 37 20.77 9.55 -2.36
CA PHE A 37 20.39 10.85 -1.83
C PHE A 37 21.43 11.91 -2.17
N ALA A 38 22.70 11.56 -2.01
CA ALA A 38 23.79 12.47 -2.35
C ALA A 38 23.77 12.84 -3.83
N ALA A 39 23.57 11.84 -4.68
CA ALA A 39 23.48 12.06 -6.12
C ALA A 39 22.30 12.97 -6.45
N SER A 40 21.14 12.62 -5.91
CA SER A 40 19.91 13.34 -6.18
C SER A 40 19.97 14.77 -5.66
N LYS A 41 20.55 14.94 -4.47
CA LYS A 41 20.73 16.27 -3.90
C LYS A 41 21.71 17.09 -4.74
N ARG A 42 22.76 16.44 -5.23
CA ARG A 42 23.74 17.11 -6.07
C ARG A 42 23.10 17.56 -7.38
N MET A 43 22.31 16.68 -7.99
CA MET A 43 21.65 17.00 -9.25
C MET A 43 20.62 18.10 -9.04
N ALA A 44 19.97 18.10 -7.88
CA ALA A 44 19.00 19.13 -7.54
C ALA A 44 19.68 20.50 -7.49
N GLU A 45 20.85 20.55 -6.87
CA GLU A 45 21.60 21.80 -6.76
C GLU A 45 22.07 22.29 -8.13
N GLN A 46 22.41 21.35 -9.00
CA GLN A 46 22.85 21.67 -10.35
C GLN A 46 21.69 22.20 -11.19
N LEU A 47 20.52 21.59 -11.03
CA LEU A 47 19.30 22.08 -11.66
C LEU A 47 18.94 23.45 -11.13
N ALA A 48 19.18 23.66 -9.84
CA ALA A 48 18.83 24.92 -9.19
C ALA A 48 19.65 26.08 -9.74
N ALA A 49 20.76 25.77 -10.38
CA ALA A 49 21.63 26.79 -10.97
C ALA A 49 21.19 27.14 -12.40
N HIS A 50 20.09 26.54 -12.84
CA HIS A 50 19.55 26.80 -14.16
C HIS A 50 18.21 27.54 -14.08
N SER A 51 17.99 28.21 -12.95
CA SER A 51 16.74 28.92 -12.64
C SER A 51 15.56 27.96 -12.48
N VAL A 52 15.83 26.71 -12.14
CA VAL A 52 14.76 25.77 -11.79
C VAL A 52 14.32 26.04 -10.35
N ARG A 53 13.24 26.80 -10.21
CA ARG A 53 12.77 27.23 -8.89
C ARG A 53 11.65 26.33 -8.37
N LYS A 54 11.53 26.27 -7.06
CA LYS A 54 10.48 25.48 -6.41
C LYS A 54 9.11 25.93 -6.89
N GLY A 55 8.32 24.99 -7.41
CA GLY A 55 7.01 25.28 -7.94
C GLY A 55 6.98 25.21 -9.45
N ASP A 56 8.15 24.99 -10.06
CA ASP A 56 8.23 24.84 -11.50
C ASP A 56 7.85 23.43 -11.92
N THR A 57 7.90 23.19 -13.23
CA THR A 57 7.56 21.90 -13.80
C THR A 57 8.63 21.47 -14.79
N ALA A 58 9.26 20.33 -14.53
CA ALA A 58 10.31 19.82 -15.39
C ALA A 58 9.87 18.52 -16.06
N ALA A 59 10.13 18.42 -17.36
CA ALA A 59 9.82 17.21 -18.10
C ALA A 59 11.08 16.35 -18.25
N ILE A 60 10.93 15.04 -18.11
CA ILE A 60 12.06 14.13 -18.22
C ILE A 60 11.90 13.22 -19.43
N LEU A 61 12.83 13.34 -20.37
CA LEU A 61 12.87 12.48 -21.55
C LEU A 61 14.13 11.64 -21.52
N LEU A 62 14.04 10.44 -20.96
CA LEU A 62 15.19 9.59 -20.76
C LEU A 62 14.86 8.11 -20.84
N GLN A 63 15.83 7.31 -21.28
CA GLN A 63 15.75 5.87 -21.18
C GLN A 63 16.06 5.47 -19.74
N ASN A 64 15.80 4.22 -19.39
CA ASN A 64 16.11 3.75 -18.04
C ASN A 64 17.61 3.80 -17.75
N ARG A 65 18.00 4.79 -16.94
CA ARG A 65 19.37 4.95 -16.48
C ARG A 65 19.35 5.26 -14.99
N ALA A 66 20.50 5.15 -14.34
CA ALA A 66 20.60 5.55 -12.94
C ALA A 66 20.38 7.05 -12.81
N GLU A 67 20.78 7.77 -13.85
CA GLU A 67 20.66 9.22 -13.88
C GLU A 67 19.20 9.67 -13.83
N MET A 68 18.32 8.90 -14.45
CA MET A 68 16.91 9.25 -14.48
C MET A 68 16.28 9.11 -13.09
N VAL A 69 16.74 8.12 -12.33
CA VAL A 69 16.33 7.95 -10.95
C VAL A 69 16.74 9.18 -10.14
N TYR A 70 17.93 9.69 -10.41
CA TYR A 70 18.41 10.91 -9.77
C TYR A 70 17.48 12.08 -10.10
N ALA A 71 17.11 12.19 -11.37
CA ALA A 71 16.30 13.29 -11.87
C ALA A 71 14.94 13.36 -11.18
N VAL A 72 14.28 12.22 -11.03
CA VAL A 72 12.98 12.17 -10.35
C VAL A 72 13.11 12.67 -8.92
N HIS A 73 14.07 12.10 -8.18
CA HIS A 73 14.28 12.47 -6.79
C HIS A 73 14.74 13.92 -6.64
N ALA A 74 15.57 14.37 -7.59
CA ALA A 74 16.06 15.74 -7.57
C ALA A 74 14.89 16.72 -7.67
N CYS A 75 13.91 16.39 -8.50
CA CYS A 75 12.71 17.21 -8.64
C CYS A 75 11.93 17.27 -7.34
N PHE A 76 11.89 16.15 -6.63
CA PHE A 76 11.21 16.08 -5.34
C PHE A 76 11.94 16.96 -4.33
N LEU A 77 13.27 16.85 -4.31
CA LEU A 77 14.09 17.61 -3.38
C LEU A 77 14.05 19.11 -3.68
N LEU A 78 13.76 19.46 -4.94
CA LEU A 78 13.63 20.86 -5.34
C LEU A 78 12.19 21.35 -5.20
N GLY A 79 11.25 20.42 -5.03
CA GLY A 79 9.84 20.78 -5.00
C GLY A 79 9.34 21.18 -6.37
N VAL A 80 9.67 20.36 -7.37
CA VAL A 80 9.31 20.63 -8.75
C VAL A 80 8.55 19.45 -9.36
N LYS A 81 7.39 19.73 -9.94
CA LYS A 81 6.58 18.70 -10.58
C LYS A 81 7.35 18.05 -11.73
N ALA A 82 7.47 16.72 -11.66
CA ALA A 82 8.17 15.97 -12.68
C ALA A 82 7.19 15.39 -13.71
N VAL A 83 7.36 15.77 -14.97
CA VAL A 83 6.56 15.21 -16.04
C VAL A 83 7.34 14.14 -16.76
N LEU A 84 6.82 12.91 -16.72
CA LEU A 84 7.50 11.79 -17.34
C LEU A 84 7.02 11.66 -18.78
N LEU A 85 7.97 11.67 -19.71
CA LEU A 85 7.63 11.60 -21.12
C LEU A 85 7.99 10.27 -21.76
N ASN A 86 7.01 9.69 -22.45
CA ASN A 86 7.21 8.49 -23.24
C ASN A 86 8.22 8.75 -24.35
N THR A 87 9.31 8.00 -24.35
CA THR A 87 10.42 8.23 -25.28
C THR A 87 10.08 7.84 -26.72
N LYS A 88 8.98 7.13 -26.91
CA LYS A 88 8.59 6.68 -28.24
C LYS A 88 7.58 7.62 -28.89
N LEU A 89 7.29 8.73 -28.24
CA LEU A 89 6.39 9.73 -28.81
C LEU A 89 7.06 10.44 -29.98
N SER A 90 6.25 10.83 -30.95
CA SER A 90 6.75 11.65 -32.06
C SER A 90 7.14 13.02 -31.54
N THR A 91 7.84 13.80 -32.37
CA THR A 91 8.23 15.15 -31.98
C THR A 91 6.98 15.99 -31.65
N HIS A 92 5.94 15.82 -32.47
CA HIS A 92 4.68 16.53 -32.25
C HIS A 92 4.08 16.17 -30.91
N GLU A 93 3.94 14.87 -30.66
CA GLU A 93 3.32 14.37 -29.44
C GLU A 93 4.08 14.85 -28.20
N ARG A 94 5.40 14.88 -28.30
CA ARG A 94 6.23 15.35 -27.21
C ARG A 94 6.01 16.84 -26.96
N LEU A 95 5.92 17.61 -28.04
CA LEU A 95 5.70 19.04 -27.94
C LEU A 95 4.36 19.36 -27.30
N PHE A 96 3.32 18.63 -27.71
CA PHE A 96 1.99 18.80 -27.15
C PHE A 96 2.00 18.59 -25.65
N GLN A 97 2.62 17.51 -25.21
CA GLN A 97 2.65 17.19 -23.79
C GLN A 97 3.53 18.19 -23.04
N LEU A 98 4.59 18.66 -23.69
CA LEU A 98 5.45 19.68 -23.11
C LEU A 98 4.68 20.97 -22.83
N GLU A 99 3.91 21.42 -23.81
CA GLU A 99 3.14 22.66 -23.68
C GLU A 99 1.98 22.49 -22.70
N ASP A 100 1.21 21.42 -22.88
CA ASP A 100 0.03 21.15 -22.07
C ASP A 100 0.35 21.00 -20.58
N SER A 101 1.52 20.42 -20.28
CA SER A 101 1.93 20.20 -18.89
C SER A 101 2.43 21.48 -18.23
N GLY A 102 2.75 22.48 -19.05
CA GLY A 102 3.31 23.71 -18.53
C GLY A 102 4.74 23.52 -18.08
N SER A 103 5.43 22.57 -18.69
CA SER A 103 6.84 22.37 -18.40
C SER A 103 7.65 23.57 -18.86
N GLY A 104 8.65 23.94 -18.07
CA GLY A 104 9.54 25.02 -18.43
C GLY A 104 10.94 24.48 -18.66
N PHE A 105 11.11 23.19 -18.41
CA PHE A 105 12.40 22.54 -18.58
C PHE A 105 12.25 21.14 -19.16
N LEU A 106 13.31 20.66 -19.80
CA LEU A 106 13.34 19.29 -20.30
C LEU A 106 14.67 18.64 -19.98
N LEU A 107 14.67 17.73 -19.01
CA LEU A 107 15.86 16.95 -18.70
C LEU A 107 15.94 15.77 -19.65
N THR A 108 17.04 15.69 -20.39
CA THR A 108 17.24 14.64 -21.38
C THR A 108 18.74 14.45 -21.63
N ASP A 109 19.10 13.63 -22.61
CA ASP A 109 20.51 13.43 -22.92
C ASP A 109 20.80 13.56 -24.42
N SER A 110 21.98 13.11 -24.82
CA SER A 110 22.44 13.26 -26.19
C SER A 110 21.78 12.27 -27.15
N SER A 111 21.07 11.28 -26.62
CA SER A 111 20.44 10.26 -27.45
C SER A 111 19.13 10.77 -28.05
N PHE A 112 18.63 11.89 -27.55
CA PHE A 112 17.44 12.52 -28.10
C PHE A 112 17.81 13.84 -28.76
N GLU A 113 17.01 14.26 -29.75
CA GLU A 113 17.24 15.53 -30.43
C GLU A 113 16.70 16.68 -29.58
N LYS A 114 17.52 17.15 -28.65
CA LYS A 114 17.13 18.20 -27.71
C LYS A 114 16.81 19.51 -28.41
N LYS A 115 17.39 19.72 -29.59
CA LYS A 115 17.25 20.99 -30.31
C LYS A 115 15.83 21.25 -30.80
N GLU A 116 15.01 20.21 -30.86
CA GLU A 116 13.66 20.33 -31.39
C GLU A 116 12.69 20.94 -30.40
N TYR A 117 13.15 21.23 -29.19
CA TYR A 117 12.25 21.71 -28.13
C TYR A 117 12.76 22.97 -27.42
N GLU A 118 13.88 23.52 -27.86
CA GLU A 118 14.48 24.69 -27.22
C GLU A 118 13.53 25.90 -27.25
N HIS A 119 12.69 25.95 -28.27
CA HIS A 119 11.79 27.08 -28.48
C HIS A 119 10.61 27.09 -27.49
N ILE A 120 10.38 25.97 -26.81
CA ILE A 120 9.29 25.86 -25.86
C ILE A 120 9.80 25.79 -24.43
N VAL A 121 10.82 24.97 -24.21
CA VAL A 121 11.37 24.76 -22.88
C VAL A 121 12.89 24.88 -22.86
N GLN A 122 13.44 25.23 -21.71
CA GLN A 122 14.88 25.25 -21.52
C GLN A 122 15.40 23.82 -21.41
N THR A 123 16.09 23.36 -22.45
CA THR A 123 16.60 22.00 -22.48
C THR A 123 17.84 21.87 -21.60
N ILE A 124 18.03 20.68 -21.03
CA ILE A 124 19.15 20.42 -20.13
C ILE A 124 19.68 19.00 -20.35
N ASP A 125 20.98 18.89 -20.62
CA ASP A 125 21.60 17.58 -20.75
C ASP A 125 22.00 17.04 -19.39
N VAL A 126 21.51 15.84 -19.06
CA VAL A 126 21.76 15.23 -17.77
C VAL A 126 23.25 14.98 -17.52
N ASP A 127 23.92 14.38 -18.50
CA ASP A 127 25.33 14.03 -18.37
C ASP A 127 26.22 15.25 -18.20
N GLU A 128 25.88 16.33 -18.89
CA GLU A 128 26.67 17.56 -18.82
C GLU A 128 26.29 18.40 -17.60
N LEU A 129 25.07 18.22 -17.12
CA LEU A 129 24.60 18.91 -15.92
C LEU A 129 25.39 18.44 -14.70
N MET A 130 25.68 17.14 -14.67
CA MET A 130 26.39 16.54 -13.55
C MET A 130 27.88 16.89 -13.55
N LYS A 131 28.35 17.48 -14.63
CA LYS A 131 29.75 17.90 -14.73
C LYS A 131 29.94 19.32 -14.20
N GLU A 132 28.83 19.97 -13.85
CA GLU A 132 28.87 21.37 -13.42
C GLU A 132 29.11 21.52 -11.92
N ALA A 133 29.48 22.74 -11.53
CA ALA A 133 29.57 23.09 -10.11
C ALA A 133 28.34 23.89 -9.73
N ALA A 134 27.99 23.86 -8.45
CA ALA A 134 26.80 24.55 -7.97
C ALA A 134 26.87 24.87 -6.48
N GLU A 135 26.26 25.99 -6.10
CA GLU A 135 26.15 26.33 -4.69
C GLU A 135 25.19 25.36 -4.01
N GLU A 136 25.57 24.88 -2.84
CA GLU A 136 24.73 23.93 -2.10
C GLU A 136 23.42 24.58 -1.69
N ILE A 137 22.33 23.82 -1.80
CA ILE A 137 21.02 24.30 -1.40
C ILE A 137 20.47 23.43 -0.28
N GLU A 138 19.54 23.97 0.49
CA GLU A 138 18.84 23.20 1.49
C GLU A 138 17.59 22.65 0.82
N ILE A 139 17.51 21.33 0.75
CA ILE A 139 16.42 20.64 0.07
C ILE A 139 15.04 20.84 0.70
N GLU A 140 14.02 20.35 0.01
CA GLU A 140 12.69 20.21 0.58
C GLU A 140 12.66 18.92 1.40
N ALA A 141 12.68 19.07 2.72
CA ALA A 141 12.78 17.91 3.61
C ALA A 141 11.43 17.21 3.79
N TYR A 142 10.35 17.89 3.41
CA TYR A 142 9.01 17.32 3.56
C TYR A 142 8.26 17.22 2.24
N MET A 143 7.64 16.07 2.00
CA MET A 143 6.71 15.91 0.90
C MET A 143 5.30 16.21 1.39
N GLN A 144 4.59 17.10 0.68
CA GLN A 144 3.19 17.34 0.98
C GLN A 144 2.33 16.27 0.32
N MET A 145 1.57 15.54 1.12
CA MET A 145 0.80 14.39 0.65
C MET A 145 -0.20 14.70 -0.47
N ASP A 146 -0.73 15.92 -0.48
CA ASP A 146 -1.72 16.28 -1.49
C ASP A 146 -1.13 17.10 -2.63
N ALA A 147 0.18 17.29 -2.60
CA ALA A 147 0.87 17.97 -3.69
C ALA A 147 1.12 17.03 -4.85
N THR A 148 0.94 17.52 -6.07
CA THR A 148 1.25 16.76 -7.27
C THR A 148 2.74 16.45 -7.34
N ALA A 149 3.08 15.18 -7.23
CA ALA A 149 4.47 14.76 -7.29
C ALA A 149 4.93 14.62 -8.74
N THR A 150 4.23 13.78 -9.48
CA THR A 150 4.56 13.51 -10.87
C THR A 150 3.34 13.66 -11.76
N LEU A 151 3.57 14.09 -12.99
CA LEU A 151 2.51 14.16 -13.99
C LEU A 151 2.76 13.12 -15.06
N MET A 152 1.78 12.26 -15.27
CA MET A 152 1.91 11.17 -16.23
C MET A 152 0.73 11.19 -17.22
N TYR A 153 1.04 11.06 -18.51
CA TYR A 153 0.00 11.17 -19.52
C TYR A 153 -0.62 9.83 -19.91
N THR A 154 -1.94 9.84 -20.06
CA THR A 154 -2.67 8.64 -20.47
C THR A 154 -2.35 8.33 -21.92
N SER A 155 -2.50 7.06 -22.28
CA SER A 155 -2.17 6.61 -23.63
C SER A 155 -3.37 6.00 -24.32
N GLY A 156 -4.56 6.39 -23.89
CA GLY A 156 -5.79 5.90 -24.48
C GLY A 156 -5.88 6.21 -25.96
N THR A 157 -6.56 5.35 -26.70
CA THR A 157 -6.69 5.50 -28.14
C THR A 157 -7.87 6.42 -28.50
N THR A 158 -8.38 7.11 -27.49
CA THR A 158 -9.49 8.04 -27.69
C THR A 158 -9.11 9.45 -27.24
N GLY A 159 -9.22 10.40 -28.17
CA GLY A 159 -8.97 11.80 -27.87
C GLY A 159 -7.52 12.12 -27.55
N LYS A 160 -7.27 13.39 -27.23
CA LYS A 160 -5.93 13.84 -26.86
C LYS A 160 -5.59 13.37 -25.44
N PRO A 161 -4.35 12.90 -25.24
CA PRO A 161 -3.90 12.33 -23.95
C PRO A 161 -4.09 13.28 -22.78
N LYS A 162 -4.46 12.72 -21.63
CA LYS A 162 -4.70 13.50 -20.42
C LYS A 162 -3.54 13.37 -19.45
N GLY A 163 -3.21 14.46 -18.78
CA GLY A 163 -2.17 14.43 -17.75
C GLY A 163 -2.75 14.00 -16.42
N VAL A 164 -2.33 12.85 -15.94
CA VAL A 164 -2.74 12.35 -14.64
C VAL A 164 -1.88 12.98 -13.56
N GLN A 165 -2.52 13.63 -12.58
CA GLN A 165 -1.80 14.23 -11.48
C GLN A 165 -1.67 13.22 -10.33
N GLN A 166 -0.45 12.75 -10.12
CA GLN A 166 -0.19 11.77 -9.08
C GLN A 166 0.48 12.43 -7.88
N THR A 167 -0.19 12.38 -6.73
CA THR A 167 0.30 13.04 -5.53
C THR A 167 1.27 12.15 -4.77
N PHE A 168 2.10 12.77 -3.92
CA PHE A 168 2.99 12.01 -3.05
C PHE A 168 2.20 11.03 -2.21
N GLY A 169 1.00 11.44 -1.80
CA GLY A 169 0.09 10.59 -1.08
C GLY A 169 -0.35 9.38 -1.89
N ASN A 170 -0.65 9.60 -3.17
CA ASN A 170 -1.02 8.51 -4.07
C ASN A 170 0.07 7.45 -4.13
N HIS A 171 1.30 7.87 -4.40
CA HIS A 171 2.43 6.96 -4.51
C HIS A 171 2.69 6.22 -3.21
N TYR A 172 2.60 6.93 -2.09
CA TYR A 172 2.80 6.32 -0.79
C TYR A 172 1.79 5.20 -0.53
N PHE A 173 0.53 5.46 -0.81
CA PHE A 173 -0.52 4.48 -0.52
C PHE A 173 -0.53 3.33 -1.50
N SER A 174 -0.04 3.58 -2.72
CA SER A 174 0.17 2.52 -3.68
C SER A 174 1.19 1.54 -3.13
N ALA A 175 2.33 2.06 -2.70
CA ALA A 175 3.42 1.25 -2.18
C ALA A 175 2.99 0.44 -0.95
N VAL A 176 2.25 1.09 -0.06
CA VAL A 176 1.81 0.45 1.17
C VAL A 176 0.79 -0.66 0.90
N SER A 177 -0.24 -0.37 0.12
CA SER A 177 -1.28 -1.35 -0.18
C SER A 177 -0.71 -2.60 -0.86
N SER A 178 0.24 -2.38 -1.77
CA SER A 178 0.88 -3.48 -2.48
C SER A 178 1.64 -4.34 -1.48
N ALA A 179 2.31 -3.69 -0.54
CA ALA A 179 3.10 -4.40 0.46
C ALA A 179 2.22 -5.19 1.43
N LEU A 180 1.04 -4.64 1.74
CA LEU A 180 0.07 -5.34 2.59
C LEU A 180 -0.49 -6.55 1.87
N ASN A 181 -0.38 -6.54 0.55
CA ASN A 181 -0.90 -7.63 -0.27
C ASN A 181 0.18 -8.67 -0.57
N LEU A 182 1.39 -8.22 -0.87
CA LEU A 182 2.48 -9.12 -1.24
C LEU A 182 3.39 -9.49 -0.07
N GLY A 183 3.34 -8.71 1.01
CA GLY A 183 4.26 -8.89 2.12
C GLY A 183 5.62 -8.30 1.81
N ILE A 184 6.41 -8.00 2.83
CA ILE A 184 7.78 -7.55 2.63
C ILE A 184 8.78 -8.33 3.47
N THR A 185 9.81 -8.83 2.81
CA THR A 185 10.94 -9.43 3.51
C THR A 185 12.14 -8.52 3.40
N GLU A 186 13.13 -8.71 4.26
CA GLU A 186 14.35 -7.91 4.21
C GLU A 186 15.22 -8.33 3.03
N GLN A 187 14.99 -9.54 2.52
CA GLN A 187 15.76 -10.08 1.42
C GLN A 187 15.12 -9.82 0.06
N ASP A 188 14.07 -8.99 0.05
CA ASP A 188 13.36 -8.69 -1.20
C ASP A 188 14.14 -7.75 -2.11
N ARG A 189 14.15 -8.09 -3.39
CA ARG A 189 14.72 -7.23 -4.42
C ARG A 189 13.81 -7.24 -5.65
N TRP A 190 13.55 -6.06 -6.19
CA TRP A 190 12.61 -5.90 -7.29
C TRP A 190 13.32 -5.58 -8.60
N LEU A 191 13.04 -6.36 -9.65
CA LEU A 191 13.63 -6.12 -10.97
C LEU A 191 12.66 -5.33 -11.86
N ILE A 192 13.15 -4.25 -12.44
CA ILE A 192 12.34 -3.43 -13.33
C ILE A 192 12.96 -3.37 -14.73
N ALA A 193 12.30 -4.02 -15.69
CA ALA A 193 12.72 -4.01 -17.08
C ALA A 193 11.72 -3.21 -17.91
N LEU A 194 10.77 -2.59 -17.22
CA LEU A 194 9.76 -1.75 -17.85
C LEU A 194 10.21 -0.29 -17.78
N PRO A 195 9.70 0.55 -18.69
CA PRO A 195 10.12 1.96 -18.69
C PRO A 195 9.72 2.71 -17.43
N LEU A 196 10.57 3.63 -16.98
CA LEU A 196 10.32 4.41 -15.78
C LEU A 196 9.38 5.59 -16.03
N PHE A 197 9.06 5.87 -17.30
CA PHE A 197 8.09 6.91 -17.60
C PHE A 197 6.67 6.33 -17.55
N HIS A 198 6.58 5.01 -17.46
CA HIS A 198 5.30 4.36 -17.22
C HIS A 198 5.19 4.04 -15.73
N ILE A 199 3.96 4.01 -15.23
CA ILE A 199 3.74 3.88 -13.80
C ILE A 199 4.18 2.52 -13.26
N SER A 200 4.19 1.51 -14.10
CA SER A 200 4.62 0.18 -13.68
C SER A 200 6.09 0.19 -13.28
N GLY A 201 6.87 1.06 -13.90
CA GLY A 201 8.28 1.19 -13.58
C GLY A 201 8.55 2.25 -12.54
N LEU A 202 7.88 3.40 -12.66
CA LEU A 202 8.10 4.50 -11.75
C LEU A 202 7.76 4.15 -10.30
N SER A 203 6.66 3.44 -10.10
CA SER A 203 6.17 3.09 -8.77
C SER A 203 7.20 2.31 -7.94
N ALA A 204 8.03 1.52 -8.63
CA ALA A 204 9.05 0.72 -7.97
C ALA A 204 10.07 1.61 -7.25
N LEU A 205 10.36 2.76 -7.86
CA LEU A 205 11.30 3.71 -7.28
C LEU A 205 10.78 4.25 -5.94
N PHE A 206 9.47 4.28 -5.79
CA PHE A 206 8.85 4.75 -4.56
C PHE A 206 8.70 3.60 -3.57
N LYS A 207 8.36 2.42 -4.08
CA LYS A 207 8.44 1.20 -3.29
C LYS A 207 9.83 1.07 -2.68
N SER A 208 10.85 1.39 -3.49
CA SER A 208 12.25 1.25 -3.10
C SER A 208 12.62 2.01 -1.84
N VAL A 209 12.39 3.33 -1.85
CA VAL A 209 12.80 4.17 -0.74
C VAL A 209 11.87 4.03 0.48
N ILE A 210 10.62 3.68 0.25
CA ILE A 210 9.68 3.50 1.35
C ILE A 210 9.93 2.17 2.05
N TYR A 211 10.14 1.10 1.28
CA TYR A 211 10.43 -0.21 1.85
C TYR A 211 11.86 -0.30 2.35
N GLY A 212 12.74 0.48 1.74
CA GLY A 212 14.17 0.27 1.90
C GLY A 212 14.54 -0.96 1.11
N MET A 213 14.08 -1.00 -0.14
CA MET A 213 14.26 -2.17 -1.00
C MET A 213 15.08 -1.83 -2.24
N THR A 214 15.95 -2.76 -2.62
CA THR A 214 16.80 -2.60 -3.79
C THR A 214 16.02 -2.77 -5.09
N VAL A 215 16.17 -1.82 -5.99
CA VAL A 215 15.64 -1.97 -7.34
C VAL A 215 16.75 -2.33 -8.32
N VAL A 216 16.61 -3.49 -8.97
CA VAL A 216 17.50 -3.88 -10.04
C VAL A 216 16.95 -3.36 -11.35
N LEU A 217 17.64 -2.39 -11.94
CA LEU A 217 17.11 -1.65 -13.08
C LEU A 217 17.69 -2.10 -14.42
N HIS A 218 16.80 -2.35 -15.38
CA HIS A 218 17.19 -2.70 -16.73
C HIS A 218 16.69 -1.66 -17.72
N GLN A 219 17.52 -1.31 -18.70
CA GLN A 219 17.15 -0.32 -19.70
C GLN A 219 16.06 -0.85 -20.63
N ARG A 220 16.07 -2.15 -20.87
CA ARG A 220 15.07 -2.80 -21.70
C ARG A 220 14.85 -4.23 -21.24
N PHE A 221 13.93 -4.94 -21.88
CA PHE A 221 13.72 -6.35 -21.56
C PHE A 221 14.31 -7.28 -22.61
N SER A 222 15.30 -8.05 -22.16
CA SER A 222 15.81 -9.22 -22.89
C SER A 222 15.72 -10.38 -21.91
N VAL A 223 15.16 -11.51 -22.34
CA VAL A 223 14.93 -12.62 -21.43
C VAL A 223 16.22 -13.14 -20.81
N SER A 224 17.30 -13.11 -21.57
CA SER A 224 18.59 -13.64 -21.11
C SER A 224 19.28 -12.71 -20.12
N ASP A 225 19.24 -11.40 -20.39
CA ASP A 225 19.82 -10.43 -19.47
C ASP A 225 19.06 -10.42 -18.15
N VAL A 226 17.74 -10.55 -18.23
CA VAL A 226 16.90 -10.61 -17.03
C VAL A 226 17.18 -11.86 -16.21
N LEU A 227 17.21 -13.01 -16.88
CA LEU A 227 17.42 -14.29 -16.20
C LEU A 227 18.77 -14.34 -15.51
N HIS A 228 19.79 -13.79 -16.16
CA HIS A 228 21.11 -13.68 -15.56
C HIS A 228 21.07 -12.76 -14.36
N SER A 229 20.34 -11.65 -14.51
CA SER A 229 20.24 -10.65 -13.45
C SER A 229 19.53 -11.21 -12.22
N ILE A 230 18.43 -11.92 -12.45
CA ILE A 230 17.66 -12.53 -11.37
C ILE A 230 18.55 -13.45 -10.54
N ASN A 231 19.33 -14.29 -11.21
CA ASN A 231 20.18 -15.25 -10.54
C ASN A 231 21.41 -14.61 -9.90
N ARG A 232 21.93 -13.56 -10.52
CA ARG A 232 23.11 -12.88 -10.01
C ARG A 232 22.82 -12.08 -8.74
N HIS A 233 21.59 -11.58 -8.63
CA HIS A 233 21.24 -10.66 -7.55
C HIS A 233 20.17 -11.18 -6.61
N GLU A 234 19.81 -12.46 -6.76
CA GLU A 234 18.79 -13.08 -5.92
C GLU A 234 17.50 -12.26 -5.94
N VAL A 235 17.08 -11.86 -7.13
CA VAL A 235 15.87 -11.09 -7.34
C VAL A 235 14.64 -11.89 -6.91
N THR A 236 13.79 -11.28 -6.09
CA THR A 236 12.60 -11.96 -5.59
C THR A 236 11.32 -11.46 -6.26
N MET A 237 11.31 -10.18 -6.64
CA MET A 237 10.13 -9.57 -7.24
C MET A 237 10.42 -9.10 -8.66
N ILE A 238 9.51 -9.38 -9.59
CA ILE A 238 9.65 -8.86 -10.95
C ILE A 238 8.30 -8.40 -11.50
N SER A 239 8.32 -7.24 -12.14
CA SER A 239 7.14 -6.72 -12.83
C SER A 239 7.25 -7.06 -14.32
N ALA A 240 6.11 -7.42 -14.92
CA ALA A 240 6.13 -7.85 -16.32
C ALA A 240 4.78 -7.65 -17.00
N VAL A 241 4.83 -7.50 -18.32
CA VAL A 241 3.63 -7.56 -19.15
C VAL A 241 3.55 -8.97 -19.75
N GLN A 242 2.43 -9.28 -20.38
CA GLN A 242 2.17 -10.62 -20.91
C GLN A 242 3.29 -11.18 -21.80
N THR A 243 3.76 -10.36 -22.74
CA THR A 243 4.77 -10.80 -23.69
C THR A 243 6.09 -11.15 -23.00
N MET A 244 6.45 -10.38 -21.98
CA MET A 244 7.65 -10.66 -21.20
C MET A 244 7.52 -11.99 -20.46
N LEU A 245 6.33 -12.25 -19.93
CA LEU A 245 6.06 -13.50 -19.23
C LEU A 245 6.08 -14.68 -20.19
N ALA A 246 5.47 -14.50 -21.35
CA ALA A 246 5.45 -15.52 -22.39
C ALA A 246 6.86 -15.86 -22.86
N SER A 247 7.69 -14.84 -22.97
CA SER A 247 9.07 -15.02 -23.41
C SER A 247 9.92 -15.67 -22.32
N LEU A 248 9.58 -15.39 -21.06
CA LEU A 248 10.30 -15.98 -19.93
C LEU A 248 10.02 -17.47 -19.82
N LEU A 249 8.87 -17.90 -20.33
CA LEU A 249 8.48 -19.30 -20.28
C LEU A 249 9.15 -20.11 -21.38
N GLU A 250 9.42 -19.47 -22.51
CA GLU A 250 10.04 -20.13 -23.65
C GLU A 250 11.50 -20.47 -23.36
N GLU A 251 12.12 -19.68 -22.49
CA GLU A 251 13.56 -19.80 -22.25
C GLU A 251 13.90 -20.57 -20.97
N THR A 252 12.88 -20.98 -20.23
CA THR A 252 13.09 -21.73 -18.99
C THR A 252 12.05 -22.83 -18.78
N ASN A 253 12.48 -23.89 -18.09
CA ASN A 253 11.56 -24.94 -17.69
C ASN A 253 10.96 -24.61 -16.32
N ARG A 254 11.82 -24.43 -15.33
CA ARG A 254 11.38 -24.04 -14.00
C ARG A 254 11.57 -22.54 -13.77
N CYS A 255 10.80 -21.99 -12.83
CA CYS A 255 10.97 -20.60 -12.44
C CYS A 255 12.13 -20.49 -11.46
N PRO A 256 12.98 -19.46 -11.63
CA PRO A 256 14.10 -19.24 -10.71
C PRO A 256 13.63 -19.22 -9.25
N GLU A 257 14.21 -20.09 -8.43
CA GLU A 257 13.82 -20.25 -7.03
C GLU A 257 13.74 -18.93 -6.28
N SER A 258 14.63 -18.02 -6.65
CA SER A 258 14.72 -16.71 -6.04
C SER A 258 13.43 -15.90 -6.18
N ILE A 259 12.77 -16.05 -7.33
CA ILE A 259 11.54 -15.32 -7.61
C ILE A 259 10.37 -15.81 -6.76
N ARG A 260 9.77 -14.92 -5.99
CA ARG A 260 8.60 -15.27 -5.19
C ARG A 260 7.34 -14.56 -5.71
N CYS A 261 7.52 -13.57 -6.58
CA CYS A 261 6.39 -12.84 -7.11
C CYS A 261 6.63 -12.30 -8.53
N ILE A 262 5.68 -12.57 -9.41
CA ILE A 262 5.67 -11.99 -10.75
C ILE A 262 4.41 -11.13 -10.90
N LEU A 263 4.55 -9.82 -10.74
CA LEU A 263 3.41 -8.93 -10.88
C LEU A 263 3.11 -8.73 -12.36
N LEU A 264 2.03 -9.34 -12.82
CA LEU A 264 1.61 -9.25 -14.21
C LEU A 264 0.49 -8.23 -14.38
N GLY A 265 0.71 -7.23 -15.23
CA GLY A 265 -0.29 -6.21 -15.46
C GLY A 265 -0.21 -5.58 -16.83
N GLY A 266 -1.03 -4.55 -17.04
CA GLY A 266 -1.00 -3.79 -18.29
C GLY A 266 -2.07 -4.20 -19.26
N GLY A 267 -2.64 -5.38 -19.07
CA GLY A 267 -3.66 -5.89 -19.96
C GLY A 267 -4.02 -7.33 -19.69
N PRO A 268 -4.83 -7.93 -20.58
CA PRO A 268 -5.30 -9.31 -20.44
C PRO A 268 -4.21 -10.34 -20.73
N ALA A 269 -4.22 -11.45 -20.01
CA ALA A 269 -3.32 -12.55 -20.28
C ALA A 269 -4.11 -13.76 -20.74
N PRO A 270 -3.63 -14.45 -21.78
CA PRO A 270 -4.34 -15.63 -22.27
C PRO A 270 -4.36 -16.73 -21.23
N LEU A 271 -5.50 -17.40 -21.08
CA LEU A 271 -5.65 -18.47 -20.10
C LEU A 271 -4.56 -19.55 -20.19
N PRO A 272 -4.26 -20.07 -21.41
CA PRO A 272 -3.24 -21.13 -21.49
C PRO A 272 -1.87 -20.72 -20.97
N LEU A 273 -1.49 -19.46 -21.18
CA LEU A 273 -0.21 -18.96 -20.69
C LEU A 273 -0.14 -19.06 -19.17
N LEU A 274 -1.21 -18.65 -18.50
CA LEU A 274 -1.28 -18.70 -17.05
C LEU A 274 -1.28 -20.14 -16.55
N GLU A 275 -1.91 -21.03 -17.31
CA GLU A 275 -2.04 -22.43 -16.93
C GLU A 275 -0.68 -23.11 -16.84
N GLU A 276 0.26 -22.70 -17.69
CA GLU A 276 1.59 -23.30 -17.68
C GLU A 276 2.44 -22.69 -16.56
N CYS A 277 2.21 -21.41 -16.27
CA CYS A 277 2.86 -20.78 -15.13
C CYS A 277 2.50 -21.52 -13.87
N ARG A 278 1.23 -21.89 -13.77
CA ARG A 278 0.73 -22.73 -12.70
C ARG A 278 1.47 -24.07 -12.71
N GLU A 279 1.62 -24.63 -13.91
CA GLU A 279 2.26 -25.92 -14.11
C GLU A 279 3.73 -25.92 -13.72
N LYS A 280 4.48 -24.91 -14.18
CA LYS A 280 5.93 -24.89 -13.99
C LYS A 280 6.38 -24.07 -12.78
N GLY A 281 5.43 -23.70 -11.92
CA GLY A 281 5.75 -23.06 -10.65
C GLY A 281 6.10 -21.59 -10.71
N PHE A 282 5.55 -20.87 -11.69
CA PHE A 282 5.73 -19.43 -11.78
C PHE A 282 4.67 -18.70 -10.96
N PRO A 283 5.10 -17.98 -9.91
CA PRO A 283 4.17 -17.27 -9.01
C PRO A 283 3.62 -16.00 -9.63
N VAL A 284 2.65 -16.14 -10.54
CA VAL A 284 2.11 -15.00 -11.26
C VAL A 284 0.96 -14.31 -10.55
N PHE A 285 1.14 -13.03 -10.27
CA PHE A 285 0.08 -12.21 -9.71
C PHE A 285 -0.56 -11.35 -10.79
N GLN A 286 -1.72 -11.77 -11.28
CA GLN A 286 -2.49 -10.96 -12.22
C GLN A 286 -2.97 -9.69 -11.51
N SER A 287 -2.86 -8.56 -12.19
CA SER A 287 -3.28 -7.29 -11.60
C SER A 287 -4.04 -6.42 -12.58
N TYR A 288 -4.85 -5.53 -12.04
CA TYR A 288 -5.53 -4.51 -12.83
C TYR A 288 -5.23 -3.16 -12.23
N GLY A 289 -4.86 -2.22 -13.07
CA GLY A 289 -4.55 -0.88 -12.63
C GLY A 289 -4.36 0.03 -13.81
N MET A 290 -4.24 1.33 -13.53
CA MET A 290 -4.00 2.30 -14.57
C MET A 290 -3.14 3.43 -14.06
N THR A 291 -2.73 4.30 -14.97
CA THR A 291 -1.99 5.50 -14.62
C THR A 291 -2.77 6.32 -13.59
N GLU A 292 -4.07 6.39 -13.80
CA GLU A 292 -4.97 7.11 -12.89
C GLU A 292 -4.95 6.55 -11.46
N THR A 293 -4.60 5.27 -11.31
CA THR A 293 -4.60 4.65 -9.99
C THR A 293 -3.18 4.44 -9.46
N CYS A 294 -2.22 4.93 -10.21
CA CYS A 294 -0.83 4.92 -9.81
C CYS A 294 -0.19 3.58 -9.81
N SER A 295 -0.80 2.65 -10.51
CA SER A 295 -0.40 1.25 -10.70
C SER A 295 -1.54 0.35 -10.32
N GLN A 296 -1.22 -0.82 -9.83
CA GLN A 296 -2.21 -1.81 -9.55
C GLN A 296 -3.15 -1.35 -8.48
N ILE A 297 -4.40 -1.69 -8.63
CA ILE A 297 -5.41 -1.37 -7.64
C ILE A 297 -6.23 -2.64 -7.33
N VAL A 298 -6.15 -3.61 -8.22
CA VAL A 298 -6.81 -4.90 -8.05
C VAL A 298 -5.85 -6.02 -8.44
N THR A 299 -5.58 -6.95 -7.54
CA THR A 299 -4.65 -8.05 -7.82
C THR A 299 -5.17 -9.43 -7.39
N LEU A 300 -4.61 -10.47 -7.99
CA LEU A 300 -5.05 -11.87 -7.82
C LEU A 300 -3.93 -12.80 -7.43
N SER A 301 -4.22 -13.80 -6.61
CA SER A 301 -3.15 -14.65 -6.08
C SER A 301 -3.01 -15.95 -6.82
N PRO A 302 -1.78 -16.31 -7.12
CA PRO A 302 -1.53 -17.56 -7.85
C PRO A 302 -2.40 -18.70 -7.34
N GLU A 303 -2.81 -18.61 -6.08
CA GLU A 303 -3.68 -19.62 -5.52
C GLU A 303 -4.96 -19.62 -6.35
N PHE A 304 -5.28 -18.49 -6.92
CA PHE A 304 -6.54 -18.34 -7.61
C PHE A 304 -6.51 -18.34 -9.13
N SER A 305 -5.32 -18.50 -9.71
CA SER A 305 -5.18 -18.32 -11.15
C SER A 305 -5.98 -19.29 -12.02
N MET A 306 -5.91 -20.57 -11.66
CA MET A 306 -6.77 -21.57 -12.25
C MET A 306 -8.20 -21.40 -11.82
N GLU A 307 -8.39 -21.18 -10.53
CA GLU A 307 -9.73 -21.14 -9.99
C GLU A 307 -10.45 -19.96 -10.59
N LYS A 308 -9.72 -18.86 -10.64
CA LYS A 308 -10.23 -17.64 -11.20
C LYS A 308 -9.17 -17.28 -12.20
N LEU A 309 -9.22 -17.92 -13.35
CA LEU A 309 -8.21 -17.70 -14.36
C LEU A 309 -8.26 -16.35 -15.02
N GLY A 310 -9.44 -15.91 -15.40
CA GLY A 310 -9.59 -14.75 -16.24
C GLY A 310 -9.73 -13.51 -15.40
N SER A 311 -9.61 -13.68 -14.10
CA SER A 311 -9.95 -12.63 -13.17
C SER A 311 -8.75 -11.74 -12.86
N ALA A 312 -9.04 -10.47 -12.59
CA ALA A 312 -8.00 -9.51 -12.23
C ALA A 312 -7.78 -9.53 -10.72
N GLY A 313 -8.69 -10.18 -10.00
CA GLY A 313 -8.56 -10.30 -8.56
C GLY A 313 -9.52 -9.43 -7.78
N LYS A 314 -9.06 -9.03 -6.59
CA LYS A 314 -9.85 -8.20 -5.68
C LYS A 314 -9.11 -6.89 -5.38
N PRO A 315 -9.82 -5.88 -4.84
CA PRO A 315 -9.14 -4.61 -4.54
C PRO A 315 -8.04 -4.78 -3.51
N LEU A 316 -6.95 -4.02 -3.66
CA LEU A 316 -5.93 -3.95 -2.62
C LEU A 316 -6.54 -3.30 -1.38
N PHE A 317 -5.91 -3.49 -0.23
CA PHE A 317 -6.41 -2.91 1.01
C PHE A 317 -6.52 -1.40 0.88
N SER A 318 -7.54 -0.83 1.52
CA SER A 318 -7.89 0.60 1.47
C SER A 318 -8.57 0.98 0.15
N CYS A 319 -8.59 0.08 -0.81
CA CYS A 319 -9.14 0.38 -2.13
C CYS A 319 -10.50 -0.25 -2.35
N GLU A 320 -11.25 0.29 -3.30
CA GLU A 320 -12.59 -0.18 -3.59
C GLU A 320 -12.88 -0.24 -5.09
N ILE A 321 -13.72 -1.18 -5.48
CA ILE A 321 -14.24 -1.23 -6.85
C ILE A 321 -15.74 -1.46 -6.85
N LYS A 322 -16.40 -0.96 -7.90
CA LYS A 322 -17.80 -1.30 -8.14
C LYS A 322 -18.06 -1.32 -9.64
N ILE A 323 -19.18 -1.91 -10.03
CA ILE A 323 -19.59 -1.96 -11.43
C ILE A 323 -20.92 -1.24 -11.58
N GLU A 324 -20.97 -0.27 -12.49
CA GLU A 324 -22.16 0.57 -12.59
C GLU A 324 -22.64 0.75 -14.04
N ARG A 325 -23.96 0.83 -14.20
CA ARG A 325 -24.56 1.03 -15.50
C ARG A 325 -25.72 2.02 -15.39
N ASP A 326 -25.59 3.14 -16.10
CA ASP A 326 -26.59 4.20 -16.08
C ASP A 326 -26.88 4.72 -14.68
N GLY A 327 -25.86 4.72 -13.82
CA GLY A 327 -26.00 5.23 -12.48
C GLY A 327 -26.37 4.17 -11.45
N GLN A 328 -26.89 3.04 -11.93
CA GLN A 328 -27.30 1.96 -11.04
C GLN A 328 -26.20 0.90 -10.92
N VAL A 329 -26.00 0.40 -9.70
CA VAL A 329 -24.98 -0.62 -9.44
C VAL A 329 -25.41 -1.97 -10.02
N CYS A 330 -24.47 -2.65 -10.67
CA CYS A 330 -24.77 -3.90 -11.37
C CYS A 330 -24.80 -5.11 -10.44
N GLU A 331 -25.63 -6.08 -10.80
CA GLU A 331 -25.66 -7.38 -10.12
C GLU A 331 -24.42 -8.20 -10.52
N PRO A 332 -24.13 -9.27 -9.76
CA PRO A 332 -23.05 -10.18 -10.17
C PRO A 332 -23.16 -10.60 -11.64
N TYR A 333 -22.03 -10.61 -12.34
CA TYR A 333 -21.93 -10.99 -13.75
C TYR A 333 -22.58 -9.98 -14.71
N GLU A 334 -23.26 -8.97 -14.17
CA GLU A 334 -23.85 -7.95 -15.04
C GLU A 334 -22.77 -6.97 -15.51
N HIS A 335 -22.60 -6.88 -16.82
CA HIS A 335 -21.57 -6.02 -17.39
C HIS A 335 -21.90 -4.55 -17.17
N GLY A 336 -20.86 -3.77 -16.92
CA GLY A 336 -21.00 -2.34 -16.70
C GLY A 336 -19.62 -1.71 -16.63
N GLU A 337 -19.55 -0.43 -16.27
CA GLU A 337 -18.28 0.25 -16.21
C GLU A 337 -17.59 0.06 -14.86
N ILE A 338 -16.32 -0.30 -14.90
CA ILE A 338 -15.51 -0.42 -13.70
C ILE A 338 -15.26 0.95 -13.08
N MET A 339 -15.61 1.08 -11.79
CA MET A 339 -15.33 2.30 -11.05
C MET A 339 -14.44 1.98 -9.86
N VAL A 340 -13.45 2.83 -9.61
CA VAL A 340 -12.48 2.59 -8.54
C VAL A 340 -12.44 3.73 -7.53
N LYS A 341 -11.91 3.43 -6.34
CA LYS A 341 -11.83 4.40 -5.26
C LYS A 341 -10.74 4.01 -4.27
N GLY A 342 -10.00 4.99 -3.77
CA GLY A 342 -8.92 4.72 -2.84
C GLY A 342 -7.90 5.86 -2.81
N PRO A 343 -7.01 5.84 -1.80
CA PRO A 343 -6.02 6.90 -1.63
C PRO A 343 -4.91 6.88 -2.68
N ASN A 344 -4.90 5.86 -3.53
CA ASN A 344 -3.93 5.78 -4.62
C ASN A 344 -4.48 6.37 -5.92
N VAL A 345 -5.79 6.60 -5.93
CA VAL A 345 -6.43 7.21 -7.09
C VAL A 345 -6.02 8.68 -7.22
N MET A 346 -5.77 9.12 -8.45
CA MET A 346 -5.26 10.46 -8.72
C MET A 346 -6.14 11.57 -8.16
N LYS A 347 -5.56 12.75 -8.02
CA LYS A 347 -6.30 13.93 -7.63
C LYS A 347 -7.33 14.29 -8.70
N SER A 348 -6.82 14.49 -9.91
CA SER A 348 -7.63 14.82 -11.08
C SER A 348 -6.74 14.89 -12.32
N TYR A 349 -7.36 14.83 -13.50
CA TYR A 349 -6.61 15.08 -14.72
C TYR A 349 -6.17 16.54 -14.74
N PHE A 350 -4.96 16.79 -15.19
CA PHE A 350 -4.46 18.16 -15.26
C PHE A 350 -5.10 18.91 -16.41
N ASN A 351 -5.74 20.03 -16.09
CA ASN A 351 -6.30 20.94 -17.09
C ASN A 351 -7.31 20.24 -18.01
N ARG A 352 -8.17 19.42 -17.41
CA ARG A 352 -9.19 18.69 -18.16
C ARG A 352 -10.53 18.80 -17.43
N GLU A 353 -11.15 19.97 -17.52
CA GLU A 353 -12.39 20.25 -16.81
C GLU A 353 -13.51 19.29 -17.19
N SER A 354 -13.66 19.06 -18.49
CA SER A 354 -14.69 18.17 -19.01
C SER A 354 -14.44 16.73 -18.56
N ALA A 355 -13.21 16.26 -18.74
CA ALA A 355 -12.86 14.89 -18.37
C ALA A 355 -13.03 14.65 -16.87
N ASN A 356 -12.65 15.63 -16.04
CA ASN A 356 -12.71 15.47 -14.59
C ASN A 356 -14.13 15.28 -14.04
N GLU A 357 -15.01 16.15 -14.50
CA GLU A 357 -16.37 16.24 -14.07
C GLU A 357 -17.13 14.99 -14.39
N ALA A 358 -16.84 14.50 -15.57
CA ALA A 358 -17.45 13.33 -16.17
C ALA A 358 -16.92 12.04 -15.56
N SER A 359 -15.62 11.98 -15.32
CA SER A 359 -14.97 10.77 -14.85
C SER A 359 -15.11 10.54 -13.36
N PHE A 360 -15.60 11.54 -12.63
CA PHE A 360 -15.75 11.42 -11.18
C PHE A 360 -17.21 11.49 -10.75
N GLN A 361 -17.59 10.64 -9.81
CA GLN A 361 -18.93 10.64 -9.25
C GLN A 361 -18.88 10.23 -7.77
N ASN A 362 -19.03 11.21 -6.90
CA ASN A 362 -19.04 11.00 -5.45
C ASN A 362 -17.77 10.33 -4.93
N GLY A 363 -16.62 10.81 -5.40
CA GLY A 363 -15.34 10.29 -4.93
C GLY A 363 -14.90 9.03 -5.67
N TRP A 364 -15.71 8.59 -6.63
CA TRP A 364 -15.40 7.41 -7.41
C TRP A 364 -14.87 7.78 -8.79
N LEU A 365 -13.92 7.00 -9.29
CA LEU A 365 -13.36 7.24 -10.61
C LEU A 365 -13.91 6.27 -11.64
N LYS A 366 -14.60 6.81 -12.65
CA LYS A 366 -14.98 6.01 -13.80
C LYS A 366 -13.73 5.73 -14.63
N THR A 367 -13.41 4.45 -14.80
CA THR A 367 -12.15 4.06 -15.43
C THR A 367 -12.22 4.01 -16.95
N GLY A 368 -13.43 3.97 -17.50
CA GLY A 368 -13.60 3.81 -18.93
C GLY A 368 -13.45 2.35 -19.33
N ASP A 369 -13.26 1.48 -18.34
CA ASP A 369 -13.16 0.04 -18.58
C ASP A 369 -14.49 -0.65 -18.30
N LEU A 370 -14.85 -1.60 -19.16
CA LEU A 370 -16.03 -2.41 -18.91
C LEU A 370 -15.62 -3.73 -18.26
N GLY A 371 -16.49 -4.27 -17.42
CA GLY A 371 -16.21 -5.52 -16.74
C GLY A 371 -17.36 -5.96 -15.84
N TYR A 372 -17.07 -6.88 -14.94
CA TYR A 372 -18.08 -7.35 -13.99
C TYR A 372 -17.46 -8.07 -12.80
N LEU A 373 -18.29 -8.32 -11.78
CA LEU A 373 -17.88 -9.09 -10.62
C LEU A 373 -18.67 -10.38 -10.53
N ASP A 374 -18.03 -11.44 -10.05
CA ASP A 374 -18.77 -12.68 -9.80
C ASP A 374 -19.34 -12.65 -8.38
N ASN A 375 -19.90 -13.77 -7.94
CA ASN A 375 -20.55 -13.85 -6.64
C ASN A 375 -19.62 -13.55 -5.47
N GLU A 376 -18.34 -13.89 -5.62
CA GLU A 376 -17.37 -13.68 -4.56
C GLU A 376 -16.72 -12.31 -4.64
N GLY A 377 -16.99 -11.59 -5.73
CA GLY A 377 -16.49 -10.23 -5.87
C GLY A 377 -15.20 -10.09 -6.66
N PHE A 378 -14.75 -11.17 -7.28
CA PHE A 378 -13.58 -11.11 -8.14
C PHE A 378 -13.90 -10.34 -9.42
N LEU A 379 -12.94 -9.53 -9.86
CA LEU A 379 -13.13 -8.67 -11.02
C LEU A 379 -12.74 -9.38 -12.33
N TYR A 380 -13.59 -9.23 -13.34
CA TYR A 380 -13.25 -9.67 -14.68
C TYR A 380 -13.31 -8.48 -15.63
N VAL A 381 -12.16 -8.08 -16.15
CA VAL A 381 -12.08 -6.96 -17.07
C VAL A 381 -12.45 -7.40 -18.47
N LEU A 382 -13.23 -6.59 -19.17
CA LEU A 382 -13.70 -6.96 -20.50
C LEU A 382 -12.95 -6.21 -21.61
N ASP A 383 -13.18 -4.90 -21.69
CA ASP A 383 -12.59 -4.09 -22.74
C ASP A 383 -12.87 -2.61 -22.52
N ARG A 384 -12.30 -1.75 -23.34
CA ARG A 384 -12.63 -0.35 -23.22
C ARG A 384 -14.02 -0.13 -23.70
N ARG A 385 -14.76 0.71 -22.99
CA ARG A 385 -16.11 1.03 -23.34
C ARG A 385 -16.14 1.70 -24.69
N SER A 386 -15.18 2.56 -24.92
CA SER A 386 -15.14 3.35 -26.13
C SER A 386 -15.00 2.46 -27.33
N ASP A 387 -14.46 1.28 -27.13
CA ASP A 387 -14.19 0.36 -28.24
C ASP A 387 -15.29 -0.67 -28.41
N LEU A 388 -16.38 -0.52 -27.65
CA LEU A 388 -17.49 -1.46 -27.71
C LEU A 388 -18.17 -1.44 -29.08
N ILE A 389 -18.49 -2.62 -29.59
CA ILE A 389 -19.15 -2.73 -30.90
C ILE A 389 -20.56 -3.29 -30.74
N ILE A 390 -21.53 -2.62 -31.36
CA ILE A 390 -22.92 -3.07 -31.31
C ILE A 390 -23.36 -3.66 -32.64
N SER A 391 -23.63 -4.95 -32.66
CA SER A 391 -24.10 -5.63 -33.86
C SER A 391 -25.52 -6.13 -33.66
N GLY A 392 -26.49 -5.34 -34.09
CA GLY A 392 -27.89 -5.68 -33.93
C GLY A 392 -28.32 -5.73 -32.49
N GLY A 393 -27.97 -4.68 -31.74
CA GLY A 393 -28.33 -4.59 -30.34
C GLY A 393 -27.43 -5.40 -29.42
N GLU A 394 -26.65 -6.30 -30.02
CA GLU A 394 -25.76 -7.17 -29.25
C GLU A 394 -24.38 -6.53 -29.07
N ASN A 395 -23.79 -6.75 -27.90
CA ASN A 395 -22.47 -6.18 -27.60
C ASN A 395 -21.33 -7.08 -28.07
N ILE A 396 -20.42 -6.50 -28.85
CA ILE A 396 -19.22 -7.20 -29.28
C ILE A 396 -17.99 -6.56 -28.67
N TYR A 397 -17.35 -7.27 -27.75
CA TYR A 397 -16.10 -6.80 -27.15
C TYR A 397 -14.91 -7.26 -27.99
N PRO A 398 -14.24 -6.31 -28.67
CA PRO A 398 -13.13 -6.60 -29.58
C PRO A 398 -12.05 -7.48 -28.97
N ALA A 399 -11.75 -7.28 -27.69
CA ALA A 399 -10.72 -8.05 -27.00
C ALA A 399 -11.06 -9.53 -26.97
N GLU A 400 -12.35 -9.84 -26.91
CA GLU A 400 -12.80 -11.23 -26.87
C GLU A 400 -12.51 -11.92 -28.19
N VAL A 401 -12.88 -11.28 -29.30
CA VAL A 401 -12.68 -11.86 -30.62
C VAL A 401 -11.20 -11.84 -31.00
N GLU A 402 -10.49 -10.78 -30.61
CA GLU A 402 -9.05 -10.70 -30.83
C GLU A 402 -8.33 -11.85 -30.14
N SER A 403 -8.82 -12.24 -28.97
CA SER A 403 -8.23 -13.33 -28.21
C SER A 403 -8.35 -14.66 -28.94
N VAL A 404 -9.55 -14.97 -29.44
CA VAL A 404 -9.77 -16.25 -30.10
C VAL A 404 -9.02 -16.30 -31.44
N LEU A 405 -8.77 -15.14 -32.02
CA LEU A 405 -7.99 -15.06 -33.25
C LEU A 405 -6.51 -15.22 -32.95
N LEU A 406 -6.04 -14.57 -31.89
CA LEU A 406 -4.65 -14.66 -31.47
C LEU A 406 -4.23 -16.09 -31.11
N SER A 407 -5.16 -16.83 -30.51
CA SER A 407 -4.90 -18.19 -30.06
C SER A 407 -4.51 -19.10 -31.22
N HIS A 408 -5.00 -18.77 -32.41
CA HIS A 408 -4.63 -19.51 -33.62
C HIS A 408 -3.16 -19.30 -33.92
N PRO A 409 -2.46 -20.39 -34.30
CA PRO A 409 -1.02 -20.39 -34.61
C PRO A 409 -0.64 -19.40 -35.71
N ALA A 410 -1.33 -19.44 -36.84
CA ALA A 410 -1.00 -18.61 -37.99
C ALA A 410 -1.28 -17.12 -37.78
N VAL A 411 -1.89 -16.78 -36.64
CA VAL A 411 -2.25 -15.39 -36.36
C VAL A 411 -1.34 -14.78 -35.31
N ALA A 412 -0.63 -13.72 -35.69
CA ALA A 412 0.35 -13.06 -34.82
C ALA A 412 -0.25 -11.86 -34.11
N GLU A 413 -1.04 -11.07 -34.84
CA GLU A 413 -1.70 -9.91 -34.27
C GLU A 413 -3.13 -9.84 -34.78
N ALA A 414 -4.07 -9.53 -33.88
CA ALA A 414 -5.47 -9.46 -34.25
C ALA A 414 -6.08 -8.13 -33.83
N GLY A 415 -6.91 -7.57 -34.70
CA GLY A 415 -7.59 -6.33 -34.42
C GLY A 415 -9.01 -6.38 -34.94
N VAL A 416 -9.97 -6.17 -34.04
CA VAL A 416 -11.36 -6.19 -34.42
C VAL A 416 -11.98 -4.80 -34.35
N SER A 417 -12.66 -4.40 -35.41
CA SER A 417 -13.27 -3.08 -35.48
C SER A 417 -14.71 -3.17 -35.97
N GLY A 418 -15.52 -2.20 -35.57
CA GLY A 418 -16.92 -2.16 -35.98
C GLY A 418 -17.13 -1.42 -37.28
N ALA A 419 -17.56 -2.16 -38.31
CA ALA A 419 -17.82 -1.57 -39.61
C ALA A 419 -19.32 -1.47 -39.90
N GLU A 420 -19.72 -0.36 -40.49
CA GLU A 420 -21.13 -0.10 -40.79
C GLU A 420 -21.77 -1.21 -41.62
N ASP A 421 -22.93 -1.66 -41.19
CA ASP A 421 -23.66 -2.71 -41.90
C ASP A 421 -25.11 -2.27 -42.16
N LYS A 422 -25.74 -2.87 -43.16
CA LYS A 422 -27.12 -2.54 -43.49
C LYS A 422 -28.10 -3.36 -42.66
N LYS A 423 -27.85 -4.65 -42.55
CA LYS A 423 -28.72 -5.56 -41.81
C LYS A 423 -28.61 -5.31 -40.31
N TRP A 424 -27.40 -5.04 -39.83
CA TRP A 424 -27.18 -4.79 -38.41
C TRP A 424 -26.50 -3.44 -38.21
N GLY A 425 -26.49 -2.96 -36.97
CA GLY A 425 -25.89 -1.68 -36.64
C GLY A 425 -24.45 -1.59 -37.15
N LYS A 426 -23.64 -2.55 -36.74
CA LYS A 426 -22.30 -2.70 -37.27
C LYS A 426 -21.97 -4.18 -37.41
N VAL A 427 -20.89 -4.48 -38.12
CA VAL A 427 -20.43 -5.86 -38.26
C VAL A 427 -18.94 -5.93 -37.91
N PRO A 428 -18.52 -7.02 -37.24
CA PRO A 428 -17.12 -7.15 -36.83
C PRO A 428 -16.18 -7.42 -38.00
N HIS A 429 -15.04 -6.74 -38.02
CA HIS A 429 -14.01 -6.98 -39.04
C HIS A 429 -12.69 -7.34 -38.36
N ALA A 430 -12.05 -8.40 -38.85
CA ALA A 430 -10.79 -8.84 -38.28
C ALA A 430 -9.59 -8.42 -39.14
N TYR A 431 -8.69 -7.66 -38.52
CA TYR A 431 -7.46 -7.22 -39.18
C TYR A 431 -6.28 -7.98 -38.61
N LEU A 432 -5.64 -8.81 -39.43
CA LEU A 432 -4.66 -9.76 -38.94
C LEU A 432 -3.23 -9.53 -39.42
N VAL A 433 -2.28 -10.00 -38.62
CA VAL A 433 -0.91 -10.16 -39.05
C VAL A 433 -0.71 -11.63 -38.87
N LEU A 434 -0.03 -12.30 -39.80
CA LEU A 434 0.10 -13.76 -39.74
C LEU A 434 1.51 -14.30 -39.77
N HIS A 435 1.75 -15.41 -39.08
CA HIS A 435 3.03 -16.08 -39.16
C HIS A 435 3.08 -17.08 -40.32
N LYS A 436 2.10 -17.96 -40.39
CA LYS A 436 1.86 -18.79 -41.55
C LYS A 436 0.57 -18.34 -42.24
N PRO A 437 0.35 -18.74 -43.49
CA PRO A 437 -0.92 -18.39 -44.12
C PRO A 437 -2.08 -19.20 -43.59
N VAL A 438 -3.21 -18.55 -43.34
CA VAL A 438 -4.40 -19.23 -42.84
C VAL A 438 -5.58 -19.01 -43.78
N SER A 439 -6.22 -20.10 -44.18
CA SER A 439 -7.42 -20.01 -44.99
C SER A 439 -8.56 -19.44 -44.15
N ALA A 440 -9.30 -18.50 -44.75
CA ALA A 440 -10.40 -17.84 -44.04
C ALA A 440 -11.48 -18.84 -43.64
N GLY A 441 -11.57 -19.94 -44.37
CA GLY A 441 -12.48 -21.02 -44.01
C GLY A 441 -12.04 -21.68 -42.73
N GLU A 442 -10.74 -21.97 -42.62
CA GLU A 442 -10.19 -22.59 -41.43
C GLU A 442 -10.25 -21.62 -40.25
N LEU A 443 -10.31 -20.33 -40.56
CA LEU A 443 -10.36 -19.30 -39.53
C LEU A 443 -11.78 -19.13 -39.00
N THR A 444 -12.74 -19.10 -39.92
CA THR A 444 -14.16 -19.02 -39.55
C THR A 444 -14.56 -20.30 -38.82
N ASP A 445 -13.99 -21.43 -39.25
CA ASP A 445 -14.24 -22.71 -38.60
C ASP A 445 -13.50 -22.82 -37.27
N TYR A 446 -12.67 -21.81 -36.98
CA TYR A 446 -11.95 -21.75 -35.72
C TYR A 446 -12.75 -20.89 -34.75
N CYS A 447 -13.30 -19.79 -35.27
CA CYS A 447 -14.13 -18.89 -34.47
C CYS A 447 -15.51 -19.49 -34.21
N LYS A 448 -15.92 -20.40 -35.09
CA LYS A 448 -17.23 -21.03 -34.98
C LYS A 448 -17.35 -21.83 -33.70
N GLU A 449 -16.28 -22.53 -33.35
CA GLU A 449 -16.29 -23.42 -32.19
C GLU A 449 -16.06 -22.66 -30.90
N ARG A 450 -15.75 -21.37 -30.99
CA ARG A 450 -15.33 -20.61 -29.81
C ARG A 450 -16.11 -19.31 -29.59
N LEU A 451 -17.00 -18.95 -30.51
CA LEU A 451 -17.76 -17.72 -30.37
C LEU A 451 -19.21 -17.89 -30.80
N ALA A 452 -20.10 -17.13 -30.17
CA ALA A 452 -21.48 -17.03 -30.63
C ALA A 452 -21.45 -16.46 -32.05
N LYS A 453 -22.42 -16.87 -32.86
CA LYS A 453 -22.43 -16.57 -34.30
C LYS A 453 -22.20 -15.08 -34.62
N TYR A 454 -22.86 -14.20 -33.88
CA TYR A 454 -22.79 -12.78 -34.17
C TYR A 454 -21.42 -12.18 -33.83
N LYS A 455 -20.66 -12.87 -32.99
CA LYS A 455 -19.35 -12.39 -32.59
C LYS A 455 -18.30 -12.60 -33.68
N ILE A 456 -18.50 -13.64 -34.49
CA ILE A 456 -17.54 -14.01 -35.53
C ILE A 456 -17.39 -12.93 -36.60
N PRO A 457 -16.15 -12.52 -36.88
CA PRO A 457 -15.86 -11.48 -37.89
C PRO A 457 -16.36 -11.85 -39.28
N ALA A 458 -17.16 -10.96 -39.86
CA ALA A 458 -17.76 -11.20 -41.18
C ALA A 458 -16.69 -11.27 -42.27
N LYS A 459 -15.76 -10.32 -42.25
CA LYS A 459 -14.69 -10.31 -43.23
C LYS A 459 -13.33 -10.42 -42.55
N PHE A 460 -12.29 -10.64 -43.35
CA PHE A 460 -10.93 -10.75 -42.83
C PHE A 460 -9.95 -9.90 -43.62
N PHE A 461 -8.97 -9.35 -42.92
CA PHE A 461 -7.92 -8.54 -43.54
C PHE A 461 -6.54 -8.96 -43.05
N VAL A 462 -5.53 -8.73 -43.89
CA VAL A 462 -4.16 -9.11 -43.55
C VAL A 462 -3.22 -7.91 -43.68
N LEU A 463 -2.32 -7.75 -42.71
CA LEU A 463 -1.38 -6.63 -42.70
C LEU A 463 0.03 -7.04 -42.28
N ASP A 464 0.97 -6.12 -42.42
CA ASP A 464 2.32 -6.30 -41.92
C ASP A 464 2.40 -5.81 -40.48
N ARG A 465 1.64 -4.77 -40.18
CA ARG A 465 1.59 -4.20 -38.85
C ARG A 465 0.22 -3.60 -38.58
N LEU A 466 -0.08 -3.38 -37.31
CA LEU A 466 -1.36 -2.78 -36.91
C LEU A 466 -1.12 -1.40 -36.31
N PRO A 467 -2.06 -0.46 -36.55
CA PRO A 467 -1.94 0.90 -36.03
C PRO A 467 -1.90 0.95 -34.50
N ARG A 468 -0.76 1.38 -33.96
CA ARG A 468 -0.57 1.47 -32.51
C ARG A 468 -0.01 2.84 -32.13
N ASN A 469 -0.28 3.27 -30.89
CA ASN A 469 0.30 4.51 -30.39
C ASN A 469 1.65 4.24 -29.73
N ALA A 470 2.12 5.19 -28.94
CA ALA A 470 3.45 5.10 -28.34
C ALA A 470 3.51 4.15 -27.16
N SER A 471 2.38 3.53 -26.83
CA SER A 471 2.33 2.52 -25.78
C SER A 471 1.99 1.16 -26.36
N ASN A 472 2.16 1.04 -27.68
CA ASN A 472 1.86 -0.18 -28.42
C ASN A 472 0.40 -0.62 -28.28
N LYS A 473 -0.45 0.29 -27.81
CA LYS A 473 -1.87 0.01 -27.69
C LYS A 473 -2.56 0.15 -29.03
N LEU A 474 -3.41 -0.82 -29.37
CA LEU A 474 -4.04 -0.90 -30.67
C LEU A 474 -5.03 0.23 -30.92
N LEU A 475 -4.82 0.98 -32.00
CA LEU A 475 -5.74 2.02 -32.43
C LEU A 475 -6.80 1.44 -33.34
N ARG A 476 -7.91 0.99 -32.76
CA ARG A 476 -8.94 0.27 -33.51
C ARG A 476 -9.71 1.16 -34.47
N ASN A 477 -9.89 2.43 -34.11
CA ASN A 477 -10.66 3.35 -34.95
C ASN A 477 -9.92 3.74 -36.23
N GLN A 478 -8.63 3.40 -36.29
CA GLN A 478 -7.81 3.71 -37.44
C GLN A 478 -7.59 2.50 -38.30
N LEU A 479 -8.22 1.39 -37.93
CA LEU A 479 -8.03 0.13 -38.63
C LEU A 479 -8.48 0.23 -40.08
N LYS A 480 -9.59 0.93 -40.31
CA LYS A 480 -10.10 1.10 -41.65
C LYS A 480 -9.51 2.38 -42.23
N ASP A 481 -8.50 2.26 -43.09
CA ASP A 481 -7.86 0.98 -43.40
C ASP A 481 -6.41 1.19 -43.73
N ALA A 482 -5.64 0.11 -43.73
CA ALA A 482 -4.27 0.16 -44.19
C ALA A 482 -3.88 -0.76 -45.36
N ARG A 483 -4.52 -1.93 -45.47
CA ARG A 483 -4.02 -2.97 -46.37
C ARG A 483 -4.99 -4.09 -46.75
N LYS A 484 -4.49 -5.04 -47.53
CA LYS A 484 -5.26 -6.08 -48.21
C LYS A 484 -5.94 -7.13 -47.33
N GLY A 485 -7.02 -7.71 -47.84
CA GLY A 485 -7.78 -8.70 -47.11
C GLY A 485 -8.36 -9.76 -48.04
N GLU A 486 -8.06 -11.02 -47.74
CA GLU A 486 -8.47 -12.13 -48.60
C GLU A 486 -9.44 -13.08 -47.92
N LEU A 487 -10.15 -13.86 -48.72
CA LEU A 487 -11.12 -14.83 -48.22
C LEU A 487 -10.98 -16.17 -48.92
N THR B 5 -9.40 10.93 3.34
CA THR B 5 -10.03 11.20 4.63
C THR B 5 -10.81 10.00 5.18
N GLU B 6 -10.93 8.94 4.39
CA GLU B 6 -11.65 7.75 4.86
C GLU B 6 -11.18 6.44 4.23
N GLN B 7 -11.27 5.36 5.01
CA GLN B 7 -10.98 4.03 4.53
C GLN B 7 -12.16 3.12 4.87
N PRO B 8 -12.43 2.13 4.02
CA PRO B 8 -13.44 1.14 4.42
C PRO B 8 -13.00 0.43 5.70
N ASN B 9 -13.97 0.06 6.54
CA ASN B 9 -13.70 -0.61 7.80
C ASN B 9 -12.73 -1.76 7.62
N TRP B 10 -11.60 -1.70 8.33
CA TRP B 10 -10.53 -2.67 8.22
C TRP B 10 -11.02 -4.11 8.36
N LEU B 11 -11.86 -4.35 9.36
CA LEU B 11 -12.38 -5.69 9.61
C LEU B 11 -13.31 -6.15 8.49
N MET B 12 -14.14 -5.23 8.00
CA MET B 12 -15.07 -5.54 6.93
C MET B 12 -14.33 -5.90 5.64
N GLN B 13 -13.37 -5.06 5.26
CA GLN B 13 -12.60 -5.30 4.04
C GLN B 13 -11.73 -6.55 4.17
N ARG B 14 -11.09 -6.71 5.32
CA ARG B 14 -10.27 -7.88 5.58
C ARG B 14 -11.09 -9.15 5.42
N ALA B 15 -12.32 -9.12 5.93
CA ALA B 15 -13.23 -10.25 5.81
C ALA B 15 -13.61 -10.48 4.35
N GLN B 16 -13.73 -9.40 3.59
CA GLN B 16 -14.05 -9.49 2.17
C GLN B 16 -12.91 -10.14 1.39
N LEU B 17 -11.69 -9.74 1.69
CA LEU B 17 -10.51 -10.21 0.97
C LEU B 17 -10.15 -11.65 1.32
N THR B 18 -9.90 -11.91 2.59
CA THR B 18 -9.49 -13.24 3.03
C THR B 18 -10.37 -13.70 4.20
N PRO B 19 -11.59 -14.17 3.89
CA PRO B 19 -12.59 -14.55 4.89
C PRO B 19 -12.13 -15.69 5.79
N GLU B 20 -11.37 -16.62 5.23
CA GLU B 20 -11.06 -17.87 5.92
C GLU B 20 -9.74 -17.83 6.67
N ARG B 21 -9.02 -16.72 6.57
CA ARG B 21 -7.80 -16.55 7.34
C ARG B 21 -8.14 -16.44 8.82
N ILE B 22 -7.38 -17.15 9.63
CA ILE B 22 -7.63 -17.08 11.06
C ILE B 22 -7.37 -15.64 11.44
N ALA B 23 -8.32 -15.08 12.18
CA ALA B 23 -8.16 -13.76 12.78
C ALA B 23 -7.63 -13.87 14.20
N LEU B 24 -8.24 -14.76 14.97
CA LEU B 24 -7.96 -14.85 16.40
C LEU B 24 -7.76 -16.29 16.85
N ILE B 25 -6.75 -16.52 17.66
CA ILE B 25 -6.66 -17.79 18.35
C ILE B 25 -6.77 -17.52 19.85
N TYR B 26 -7.95 -17.74 20.43
CA TYR B 26 -8.09 -17.63 21.88
C TYR B 26 -8.25 -19.02 22.36
N GLU B 27 -7.23 -19.53 23.05
CA GLU B 27 -6.97 -20.96 23.06
C GLU B 27 -8.17 -21.74 23.56
N ASP B 28 -8.50 -22.79 22.82
CA ASP B 28 -7.83 -23.11 21.56
C ASP B 28 -8.79 -22.99 20.42
N GLN B 29 -9.86 -22.25 20.66
CA GLN B 29 -10.83 -21.97 19.62
C GLN B 29 -10.22 -21.05 18.57
N THR B 30 -10.79 -21.04 17.38
CA THR B 30 -10.32 -20.20 16.30
C THR B 30 -11.46 -19.37 15.72
N VAL B 31 -11.13 -18.13 15.37
CA VAL B 31 -12.09 -17.23 14.75
C VAL B 31 -11.51 -16.72 13.45
N THR B 32 -12.17 -17.02 12.34
CA THR B 32 -11.76 -16.47 11.05
C THR B 32 -12.18 -15.01 10.99
N PHE B 33 -11.63 -14.27 10.03
CA PHE B 33 -11.99 -12.88 9.86
C PHE B 33 -13.46 -12.74 9.48
N ALA B 34 -13.94 -13.68 8.68
CA ALA B 34 -15.36 -13.72 8.31
C ALA B 34 -16.20 -13.89 9.57
N GLU B 35 -15.73 -14.75 10.48
CA GLU B 35 -16.41 -14.99 11.75
C GLU B 35 -16.28 -13.80 12.69
N LEU B 36 -15.08 -13.20 12.71
CA LEU B 36 -14.82 -12.05 13.57
C LEU B 36 -15.72 -10.87 13.19
N PHE B 37 -15.95 -10.71 11.89
CA PHE B 37 -16.84 -9.65 11.41
C PHE B 37 -18.29 -9.96 11.76
N ALA B 38 -18.66 -11.22 11.67
CA ALA B 38 -20.02 -11.65 11.98
C ALA B 38 -20.31 -11.46 13.47
N ALA B 39 -19.36 -11.84 14.31
CA ALA B 39 -19.50 -11.68 15.76
C ALA B 39 -19.54 -10.22 16.14
N SER B 40 -18.73 -9.41 15.46
CA SER B 40 -18.65 -7.98 15.77
C SER B 40 -19.87 -7.22 15.25
N LYS B 41 -20.46 -7.71 14.16
CA LYS B 41 -21.68 -7.10 13.64
C LYS B 41 -22.89 -7.41 14.53
N ARG B 42 -22.94 -8.65 15.03
CA ARG B 42 -24.04 -9.06 15.89
C ARG B 42 -24.05 -8.26 17.19
N MET B 43 -22.89 -8.15 17.82
CA MET B 43 -22.76 -7.41 19.06
C MET B 43 -23.10 -5.94 18.85
N ALA B 44 -22.79 -5.42 17.67
CA ALA B 44 -23.12 -4.05 17.32
C ALA B 44 -24.63 -3.86 17.27
N GLU B 45 -25.32 -4.83 16.68
CA GLU B 45 -26.78 -4.79 16.56
C GLU B 45 -27.44 -4.94 17.93
N GLN B 46 -26.82 -5.71 18.80
CA GLN B 46 -27.32 -5.91 20.14
C GLN B 46 -27.11 -4.65 21.00
N LEU B 47 -26.04 -3.93 20.73
CA LEU B 47 -25.77 -2.68 21.43
C LEU B 47 -26.74 -1.58 21.01
N ALA B 48 -27.07 -1.55 19.72
CA ALA B 48 -28.02 -0.57 19.19
C ALA B 48 -29.38 -0.75 19.82
N ALA B 49 -29.71 -1.99 20.16
CA ALA B 49 -30.97 -2.30 20.84
C ALA B 49 -30.99 -1.67 22.23
N HIS B 50 -29.82 -1.48 22.81
CA HIS B 50 -29.68 -0.81 24.10
C HIS B 50 -29.54 0.70 23.92
N SER B 51 -30.07 1.21 22.82
CA SER B 51 -30.09 2.64 22.52
C SER B 51 -28.69 3.25 22.41
N VAL B 52 -27.70 2.42 22.10
CA VAL B 52 -26.35 2.90 21.86
C VAL B 52 -26.24 3.45 20.44
N ARG B 53 -26.20 4.77 20.32
CA ARG B 53 -26.23 5.42 19.01
C ARG B 53 -24.84 5.85 18.54
N LYS B 54 -24.73 6.14 17.25
CA LYS B 54 -23.50 6.64 16.67
C LYS B 54 -23.14 8.00 17.27
N GLY B 55 -21.85 8.19 17.55
CA GLY B 55 -21.39 9.42 18.16
C GLY B 55 -21.31 9.32 19.67
N ASP B 56 -21.72 8.17 20.21
CA ASP B 56 -21.63 7.94 21.64
C ASP B 56 -20.27 7.42 22.05
N THR B 57 -20.01 7.41 23.34
CA THR B 57 -18.74 6.94 23.88
C THR B 57 -18.98 5.78 24.85
N ALA B 58 -18.38 4.63 24.57
CA ALA B 58 -18.57 3.45 25.41
C ALA B 58 -17.26 3.01 26.04
N ALA B 59 -17.32 2.72 27.35
CA ALA B 59 -16.14 2.24 28.06
C ALA B 59 -16.11 0.72 28.09
N ILE B 60 -14.92 0.15 27.98
CA ILE B 60 -14.76 -1.30 28.00
C ILE B 60 -13.95 -1.72 29.22
N LEU B 61 -14.58 -2.47 30.10
CA LEU B 61 -13.90 -3.04 31.25
C LEU B 61 -13.91 -4.56 31.16
N LEU B 62 -12.94 -5.10 30.42
CA LEU B 62 -12.82 -6.54 30.24
C LEU B 62 -11.36 -6.96 30.31
N GLN B 63 -11.14 -8.25 30.48
CA GLN B 63 -9.81 -8.80 30.34
C GLN B 63 -9.71 -9.52 29.01
N ASN B 64 -8.50 -9.95 28.64
CA ASN B 64 -8.27 -10.53 27.33
C ASN B 64 -9.17 -11.72 27.02
N ARG B 65 -10.17 -11.47 26.19
CA ARG B 65 -11.10 -12.49 25.74
C ARG B 65 -11.45 -12.21 24.29
N ALA B 66 -12.02 -13.21 23.62
CA ALA B 66 -12.50 -13.01 22.25
C ALA B 66 -13.61 -11.97 22.25
N GLU B 67 -14.38 -11.93 23.33
CA GLU B 67 -15.50 -11.01 23.45
C GLU B 67 -15.04 -9.57 23.54
N MET B 68 -13.86 -9.35 24.11
CA MET B 68 -13.30 -8.01 24.19
C MET B 68 -12.89 -7.53 22.80
N VAL B 69 -12.39 -8.46 21.99
CA VAL B 69 -11.99 -8.15 20.63
C VAL B 69 -13.22 -7.80 19.80
N TYR B 70 -14.32 -8.51 20.03
CA TYR B 70 -15.58 -8.21 19.36
C TYR B 70 -16.08 -6.83 19.75
N ALA B 71 -15.94 -6.51 21.03
CA ALA B 71 -16.43 -5.26 21.59
C ALA B 71 -15.79 -4.05 20.93
N VAL B 72 -14.48 -4.08 20.76
CA VAL B 72 -13.76 -3.01 20.09
C VAL B 72 -14.31 -2.80 18.68
N HIS B 73 -14.36 -3.88 17.91
CA HIS B 73 -14.84 -3.83 16.54
C HIS B 73 -16.32 -3.45 16.45
N ALA B 74 -17.11 -3.92 17.41
CA ALA B 74 -18.53 -3.58 17.47
C ALA B 74 -18.71 -2.08 17.64
N CYS B 75 -17.81 -1.46 18.41
CA CYS B 75 -17.83 -0.01 18.57
C CYS B 75 -17.53 0.69 17.25
N PHE B 76 -16.50 0.21 16.55
CA PHE B 76 -16.11 0.77 15.26
C PHE B 76 -17.26 0.64 14.27
N LEU B 77 -17.86 -0.55 14.21
CA LEU B 77 -18.97 -0.82 13.30
C LEU B 77 -20.22 -0.02 13.65
N LEU B 78 -20.25 0.54 14.84
CA LEU B 78 -21.39 1.34 15.29
C LEU B 78 -21.07 2.82 15.24
N GLY B 79 -19.79 3.15 15.12
CA GLY B 79 -19.36 4.53 15.11
C GLY B 79 -19.29 5.09 16.52
N VAL B 80 -18.82 4.27 17.45
CA VAL B 80 -18.80 4.62 18.86
C VAL B 80 -17.40 4.68 19.43
N LYS B 81 -17.03 5.83 19.99
CA LYS B 81 -15.73 5.99 20.64
C LYS B 81 -15.57 4.97 21.77
N ALA B 82 -14.50 4.18 21.70
CA ALA B 82 -14.26 3.15 22.70
C ALA B 82 -13.21 3.59 23.72
N VAL B 83 -13.58 3.55 25.00
CA VAL B 83 -12.64 3.82 26.08
C VAL B 83 -12.20 2.52 26.73
N LEU B 84 -10.93 2.16 26.56
CA LEU B 84 -10.42 0.93 27.15
C LEU B 84 -9.88 1.19 28.55
N LEU B 85 -10.52 0.59 29.54
CA LEU B 85 -10.20 0.84 30.95
C LEU B 85 -9.26 -0.21 31.54
N ASN B 86 -8.21 0.25 32.21
CA ASN B 86 -7.30 -0.62 32.93
C ASN B 86 -8.03 -1.33 34.09
N THR B 87 -8.01 -2.65 34.07
CA THR B 87 -8.72 -3.45 35.06
C THR B 87 -8.00 -3.49 36.41
N LYS B 88 -6.71 -3.18 36.40
CA LYS B 88 -5.91 -3.22 37.62
C LYS B 88 -6.06 -1.93 38.43
N LEU B 89 -6.68 -0.93 37.83
CA LEU B 89 -6.92 0.34 38.53
C LEU B 89 -8.01 0.17 39.58
N SER B 90 -8.03 1.07 40.55
CA SER B 90 -9.09 1.07 41.55
C SER B 90 -10.38 1.57 40.92
N THR B 91 -11.48 1.42 41.65
CA THR B 91 -12.80 1.78 41.13
C THR B 91 -12.94 3.29 40.92
N HIS B 92 -12.42 4.07 41.86
CA HIS B 92 -12.55 5.53 41.77
C HIS B 92 -11.68 6.08 40.65
N GLU B 93 -10.64 5.34 40.28
CA GLU B 93 -9.80 5.71 39.15
C GLU B 93 -10.56 5.56 37.84
N ARG B 94 -11.39 4.53 37.77
CA ARG B 94 -12.18 4.28 36.56
C ARG B 94 -13.37 5.22 36.49
N LEU B 95 -13.96 5.52 37.65
CA LEU B 95 -15.08 6.44 37.73
C LEU B 95 -14.66 7.83 37.24
N PHE B 96 -13.45 8.24 37.61
CA PHE B 96 -12.89 9.50 37.12
C PHE B 96 -12.83 9.51 35.60
N GLN B 97 -12.40 8.39 35.02
CA GLN B 97 -12.24 8.30 33.58
C GLN B 97 -13.59 8.15 32.88
N LEU B 98 -14.53 7.53 33.54
CA LEU B 98 -15.86 7.49 33.00
C LEU B 98 -16.50 8.86 32.94
N GLU B 99 -16.33 9.64 33.98
CA GLU B 99 -16.89 10.98 33.98
C GLU B 99 -16.18 11.81 32.93
N ASP B 100 -14.86 11.71 32.95
CA ASP B 100 -14.04 12.52 32.09
C ASP B 100 -14.22 12.24 30.62
N SER B 101 -14.24 10.98 30.24
CA SER B 101 -14.36 10.56 28.84
C SER B 101 -15.74 10.85 28.26
N GLY B 102 -16.71 11.10 29.12
CA GLY B 102 -18.08 11.31 28.69
C GLY B 102 -18.73 10.04 28.21
N SER B 103 -18.35 8.91 28.81
CA SER B 103 -18.95 7.62 28.48
C SER B 103 -20.41 7.56 28.89
N GLY B 104 -21.24 7.01 28.02
CA GLY B 104 -22.65 6.82 28.33
C GLY B 104 -22.92 5.38 28.70
N PHE B 105 -22.01 4.49 28.31
CA PHE B 105 -22.18 3.07 28.56
C PHE B 105 -20.89 2.43 29.05
N LEU B 106 -21.03 1.37 29.86
CA LEU B 106 -19.88 0.58 30.27
C LEU B 106 -20.11 -0.89 29.93
N LEU B 107 -19.26 -1.43 29.04
CA LEU B 107 -19.33 -2.83 28.66
C LEU B 107 -18.37 -3.65 29.50
N THR B 108 -18.91 -4.60 30.27
CA THR B 108 -18.11 -5.40 31.18
C THR B 108 -18.79 -6.76 31.42
N ASP B 109 -18.38 -7.48 32.46
CA ASP B 109 -19.01 -8.77 32.76
C ASP B 109 -19.07 -9.06 34.26
N SER B 110 -19.21 -10.35 34.59
CA SER B 110 -19.44 -10.78 35.98
C SER B 110 -18.23 -10.58 36.90
N SER B 111 -17.03 -10.63 36.33
CA SER B 111 -15.82 -10.48 37.14
C SER B 111 -15.74 -9.10 37.78
N PHE B 112 -16.46 -8.13 37.21
CA PHE B 112 -16.53 -6.79 37.76
C PHE B 112 -17.95 -6.50 38.26
N GLU B 113 -18.06 -5.66 39.27
CA GLU B 113 -19.37 -5.40 39.83
C GLU B 113 -20.03 -4.23 39.13
N LYS B 114 -21.06 -4.55 38.34
CA LYS B 114 -21.97 -3.56 37.80
C LYS B 114 -22.75 -2.93 38.96
N LYS B 115 -23.44 -1.83 38.69
CA LYS B 115 -24.14 -1.05 39.72
C LYS B 115 -23.17 -0.40 40.70
N GLU B 116 -21.88 -0.65 40.50
CA GLU B 116 -20.82 0.13 41.12
C GLU B 116 -20.42 1.19 40.09
N TYR B 117 -21.14 1.17 38.97
CA TYR B 117 -20.94 2.13 37.89
C TYR B 117 -22.27 2.64 37.36
N GLU B 118 -23.36 1.92 37.68
CA GLU B 118 -24.68 2.24 37.14
C GLU B 118 -25.15 3.63 37.54
N HIS B 119 -24.63 4.14 38.65
CA HIS B 119 -25.00 5.47 39.12
C HIS B 119 -24.30 6.57 38.32
N ILE B 120 -23.44 6.17 37.39
CA ILE B 120 -22.68 7.12 36.58
C ILE B 120 -22.82 6.81 35.08
N VAL B 121 -22.85 5.52 34.73
CA VAL B 121 -23.05 5.09 33.36
C VAL B 121 -24.07 3.96 33.26
N GLN B 122 -24.60 3.74 32.07
CA GLN B 122 -25.47 2.58 31.85
C GLN B 122 -24.60 1.35 31.61
N THR B 123 -24.75 0.34 32.45
CA THR B 123 -23.90 -0.85 32.37
C THR B 123 -24.52 -1.96 31.54
N ILE B 124 -23.67 -2.67 30.80
CA ILE B 124 -24.09 -3.79 29.97
C ILE B 124 -23.18 -4.99 30.19
N ASP B 125 -23.76 -6.14 30.51
CA ASP B 125 -23.01 -7.38 30.66
C ASP B 125 -22.83 -8.04 29.29
N VAL B 126 -21.59 -8.05 28.80
CA VAL B 126 -21.28 -8.53 27.45
C VAL B 126 -21.78 -9.96 27.21
N ASP B 127 -21.60 -10.82 28.20
CA ASP B 127 -22.04 -12.21 28.08
C ASP B 127 -23.56 -12.28 28.04
N GLU B 128 -24.21 -11.48 28.87
CA GLU B 128 -25.67 -11.36 28.83
C GLU B 128 -26.10 -10.78 27.49
N LEU B 129 -25.41 -9.72 27.08
CA LEU B 129 -25.71 -8.99 25.85
C LEU B 129 -25.74 -9.90 24.62
N MET B 130 -24.78 -10.82 24.54
CA MET B 130 -24.64 -11.68 23.38
C MET B 130 -25.79 -12.67 23.25
N LYS B 131 -26.39 -13.07 24.37
CA LYS B 131 -27.47 -14.04 24.34
C LYS B 131 -28.78 -13.43 23.83
N GLU B 132 -28.82 -12.10 23.76
CA GLU B 132 -30.04 -11.38 23.41
C GLU B 132 -30.25 -11.27 21.90
N ALA B 133 -31.50 -11.35 21.47
CA ALA B 133 -31.86 -11.17 20.06
C ALA B 133 -31.99 -9.69 19.73
N ALA B 134 -31.59 -9.32 18.51
CA ALA B 134 -31.63 -7.93 18.09
C ALA B 134 -31.82 -7.77 16.59
N GLU B 135 -32.53 -6.72 16.19
CA GLU B 135 -32.78 -6.43 14.78
C GLU B 135 -31.48 -6.10 14.04
N GLU B 136 -31.49 -6.30 12.73
CA GLU B 136 -30.32 -6.01 11.90
C GLU B 136 -30.11 -4.51 11.76
N ILE B 137 -28.87 -4.10 11.51
CA ILE B 137 -28.54 -2.70 11.33
C ILE B 137 -27.49 -2.53 10.24
N GLU B 138 -27.52 -1.38 9.57
CA GLU B 138 -26.49 -1.05 8.60
C GLU B 138 -25.26 -0.51 9.31
N ILE B 139 -24.17 -1.28 9.29
CA ILE B 139 -22.94 -0.89 9.95
C ILE B 139 -22.36 0.36 9.31
N GLU B 140 -21.45 1.01 10.04
CA GLU B 140 -20.63 2.08 9.47
C GLU B 140 -19.51 1.44 8.66
N ALA B 141 -19.68 1.43 7.33
CA ALA B 141 -18.75 0.73 6.45
C ALA B 141 -17.44 1.49 6.24
N TYR B 142 -17.40 2.75 6.67
CA TYR B 142 -16.19 3.56 6.51
C TYR B 142 -15.62 4.03 7.84
N MET B 143 -14.29 4.04 7.92
CA MET B 143 -13.59 4.68 9.02
C MET B 143 -13.05 6.03 8.57
N GLN B 144 -13.43 7.10 9.26
CA GLN B 144 -12.84 8.40 9.01
C GLN B 144 -11.48 8.48 9.69
N MET B 145 -10.45 8.78 8.89
CA MET B 145 -9.07 8.77 9.37
C MET B 145 -8.81 9.72 10.53
N ASP B 146 -9.52 10.85 10.55
CA ASP B 146 -9.27 11.88 11.56
C ASP B 146 -10.18 11.78 12.77
N ALA B 147 -11.10 10.81 12.74
CA ALA B 147 -12.05 10.63 13.83
C ALA B 147 -11.45 9.78 14.95
N THR B 148 -11.80 10.09 16.19
CA THR B 148 -11.30 9.35 17.33
C THR B 148 -11.84 7.93 17.34
N ALA B 149 -10.95 6.95 17.29
CA ALA B 149 -11.33 5.54 17.33
C ALA B 149 -11.40 5.04 18.76
N THR B 150 -10.32 5.27 19.50
CA THR B 150 -10.24 4.81 20.87
C THR B 150 -9.71 5.91 21.80
N LEU B 151 -10.19 5.92 23.03
CA LEU B 151 -9.72 6.85 24.04
C LEU B 151 -9.00 6.07 25.13
N MET B 152 -7.71 6.35 25.29
CA MET B 152 -6.88 5.63 26.25
C MET B 152 -6.25 6.63 27.22
N TYR B 153 -6.31 6.33 28.52
CA TYR B 153 -5.86 7.29 29.52
C TYR B 153 -4.41 7.10 29.93
N THR B 154 -3.74 8.22 30.16
CA THR B 154 -2.33 8.22 30.58
C THR B 154 -2.18 7.72 32.01
N SER B 155 -1.69 6.50 32.15
CA SER B 155 -1.43 5.92 33.47
C SER B 155 -0.04 6.31 33.94
N GLY B 156 0.14 7.58 34.28
CA GLY B 156 1.41 8.08 34.75
C GLY B 156 1.24 9.15 35.82
N THR B 157 2.29 9.39 36.58
CA THR B 157 2.24 10.35 37.69
C THR B 157 2.29 11.79 37.21
N THR B 158 2.62 12.69 38.13
CA THR B 158 2.75 14.13 37.86
C THR B 158 1.47 14.76 37.30
N GLY B 159 0.32 14.38 37.85
CA GLY B 159 -0.94 14.99 37.46
C GLY B 159 -2.04 14.00 37.17
N LYS B 160 -3.27 14.51 37.13
CA LYS B 160 -4.44 13.69 36.81
C LYS B 160 -4.31 13.12 35.40
N PRO B 161 -4.74 11.87 35.22
CA PRO B 161 -4.61 11.19 33.92
C PRO B 161 -5.33 11.92 32.79
N LYS B 162 -4.71 11.95 31.62
CA LYS B 162 -5.28 12.59 30.46
C LYS B 162 -5.77 11.55 29.47
N GLY B 163 -6.87 11.84 28.78
CA GLY B 163 -7.41 10.92 27.79
C GLY B 163 -6.79 11.14 26.41
N VAL B 164 -6.01 10.15 25.97
CA VAL B 164 -5.38 10.20 24.65
C VAL B 164 -6.35 9.85 23.55
N GLN B 165 -6.65 10.81 22.67
CA GLN B 165 -7.53 10.57 21.55
C GLN B 165 -6.78 9.95 20.38
N GLN B 166 -7.01 8.67 20.14
CA GLN B 166 -6.32 7.93 19.10
C GLN B 166 -7.21 7.76 17.88
N THR B 167 -6.84 8.36 16.76
CA THR B 167 -7.66 8.29 15.55
C THR B 167 -7.47 6.97 14.82
N PHE B 168 -8.40 6.67 13.92
CA PHE B 168 -8.27 5.52 13.04
C PHE B 168 -7.01 5.67 12.19
N GLY B 169 -6.75 6.90 11.74
CA GLY B 169 -5.53 7.22 11.04
C GLY B 169 -4.26 6.89 11.82
N ASN B 170 -4.22 7.30 13.09
CA ASN B 170 -3.10 6.99 13.97
C ASN B 170 -2.79 5.49 14.00
N HIS B 171 -3.83 4.70 14.19
CA HIS B 171 -3.68 3.26 14.30
C HIS B 171 -3.20 2.65 12.99
N TYR B 172 -3.79 3.09 11.88
CA TYR B 172 -3.39 2.60 10.57
C TYR B 172 -1.92 2.88 10.30
N PHE B 173 -1.48 4.12 10.53
CA PHE B 173 -0.10 4.47 10.24
C PHE B 173 0.84 3.81 11.23
N SER B 174 0.34 3.55 12.43
CA SER B 174 1.09 2.76 13.39
C SER B 174 1.38 1.37 12.82
N ALA B 175 0.33 0.69 12.35
CA ALA B 175 0.46 -0.65 11.81
C ALA B 175 1.36 -0.68 10.57
N VAL B 176 1.21 0.31 9.71
CA VAL B 176 1.98 0.39 8.47
C VAL B 176 3.46 0.66 8.74
N SER B 177 3.74 1.63 9.60
CA SER B 177 5.11 2.00 9.95
C SER B 177 5.89 0.82 10.53
N SER B 178 5.25 0.04 11.39
CA SER B 178 5.89 -1.13 12.00
C SER B 178 6.12 -2.21 10.96
N ALA B 179 5.19 -2.32 10.01
CA ALA B 179 5.33 -3.27 8.92
C ALA B 179 6.53 -2.93 8.05
N LEU B 180 6.67 -1.65 7.71
CA LEU B 180 7.82 -1.18 6.94
C LEU B 180 9.11 -1.42 7.70
N ASN B 181 9.01 -1.48 9.02
CA ASN B 181 10.16 -1.69 9.89
C ASN B 181 10.47 -3.16 10.11
N LEU B 182 9.43 -3.96 10.32
CA LEU B 182 9.61 -5.37 10.68
C LEU B 182 9.39 -6.33 9.51
N GLY B 183 8.67 -5.87 8.49
CA GLY B 183 8.31 -6.71 7.37
C GLY B 183 7.12 -7.60 7.66
N ILE B 184 6.34 -7.91 6.64
CA ILE B 184 5.20 -8.81 6.78
C ILE B 184 5.43 -10.11 6.02
N THR B 185 5.07 -11.22 6.63
CA THR B 185 5.18 -12.54 6.00
C THR B 185 3.81 -13.22 6.03
N GLU B 186 3.52 -14.03 5.00
CA GLU B 186 2.27 -14.76 4.95
C GLU B 186 2.07 -15.66 6.17
N GLN B 187 3.17 -16.20 6.67
CA GLN B 187 3.11 -17.16 7.77
C GLN B 187 3.24 -16.49 9.14
N ASP B 188 3.01 -15.18 9.20
CA ASP B 188 3.19 -14.43 10.44
C ASP B 188 2.01 -14.57 11.40
N ARG B 189 2.36 -14.79 12.67
CA ARG B 189 1.36 -14.84 13.74
C ARG B 189 1.90 -14.12 14.98
N TRP B 190 1.12 -13.18 15.49
CA TRP B 190 1.55 -12.35 16.61
C TRP B 190 0.95 -12.83 17.92
N LEU B 191 1.78 -12.94 18.95
CA LEU B 191 1.34 -13.42 20.25
C LEU B 191 1.23 -12.27 21.25
N ILE B 192 0.03 -12.10 21.82
CA ILE B 192 -0.21 -11.04 22.78
C ILE B 192 -0.64 -11.59 24.13
N ALA B 193 0.26 -11.51 25.11
CA ALA B 193 -0.05 -11.88 26.48
C ALA B 193 -0.19 -10.62 27.32
N LEU B 194 0.00 -9.48 26.66
CA LEU B 194 -0.15 -8.17 27.29
C LEU B 194 -1.63 -7.80 27.37
N PRO B 195 -1.98 -6.90 28.31
CA PRO B 195 -3.38 -6.47 28.39
C PRO B 195 -3.82 -5.70 27.15
N LEU B 196 -5.04 -5.98 26.69
CA LEU B 196 -5.59 -5.35 25.49
C LEU B 196 -6.00 -3.88 25.69
N PHE B 197 -6.11 -3.44 26.94
CA PHE B 197 -6.44 -2.03 27.18
C PHE B 197 -5.19 -1.16 27.09
N HIS B 198 -4.02 -1.79 27.16
CA HIS B 198 -2.77 -1.09 26.91
CA HIS B 198 -2.77 -1.09 26.91
C HIS B 198 -2.50 -1.09 25.40
N ILE B 199 -1.94 0.00 24.90
CA ILE B 199 -1.75 0.15 23.46
C ILE B 199 -0.85 -0.95 22.86
N SER B 200 0.00 -1.55 23.69
CA SER B 200 0.86 -2.64 23.24
C SER B 200 0.03 -3.84 22.79
N GLY B 201 -1.11 -4.04 23.43
CA GLY B 201 -2.00 -5.14 23.10
C GLY B 201 -3.04 -4.75 22.07
N LEU B 202 -3.60 -3.55 22.22
CA LEU B 202 -4.67 -3.08 21.35
C LEU B 202 -4.19 -2.93 19.90
N SER B 203 -2.98 -2.40 19.72
CA SER B 203 -2.44 -2.14 18.40
C SER B 203 -2.32 -3.42 17.57
N ALA B 204 -2.16 -4.56 18.25
CA ALA B 204 -2.04 -5.83 17.58
C ALA B 204 -3.33 -6.21 16.87
N LEU B 205 -4.46 -5.81 17.45
CA LEU B 205 -5.77 -6.09 16.86
C LEU B 205 -5.93 -5.35 15.55
N PHE B 206 -5.29 -4.19 15.46
CA PHE B 206 -5.36 -3.36 14.26
C PHE B 206 -4.39 -3.87 13.21
N LYS B 207 -3.20 -4.30 13.65
CA LYS B 207 -2.25 -4.95 12.77
C LYS B 207 -2.92 -6.17 12.14
N SER B 208 -3.71 -6.87 12.95
CA SER B 208 -4.36 -8.11 12.52
C SER B 208 -5.27 -7.92 11.31
N VAL B 209 -6.21 -6.99 11.40
CA VAL B 209 -7.14 -6.74 10.31
C VAL B 209 -6.47 -6.07 9.11
N ILE B 210 -5.44 -5.27 9.37
CA ILE B 210 -4.75 -4.56 8.29
C ILE B 210 -3.78 -5.49 7.55
N TYR B 211 -2.95 -6.22 8.29
CA TYR B 211 -2.01 -7.17 7.68
C TYR B 211 -2.74 -8.39 7.15
N GLY B 212 -3.83 -8.76 7.80
CA GLY B 212 -4.48 -10.03 7.56
C GLY B 212 -3.75 -11.09 8.37
N MET B 213 -3.33 -10.70 9.56
CA MET B 213 -2.46 -11.53 10.38
C MET B 213 -3.17 -12.11 11.60
N THR B 214 -2.86 -13.37 11.91
CA THR B 214 -3.42 -14.04 13.07
C THR B 214 -2.83 -13.49 14.37
N VAL B 215 -3.70 -13.20 15.33
CA VAL B 215 -3.25 -12.85 16.67
C VAL B 215 -3.57 -13.98 17.66
N VAL B 216 -2.53 -14.54 18.26
CA VAL B 216 -2.69 -15.50 19.35
C VAL B 216 -2.82 -14.73 20.66
N LEU B 217 -3.91 -14.95 21.37
CA LEU B 217 -4.24 -14.09 22.52
C LEU B 217 -4.27 -14.83 23.85
N HIS B 218 -3.49 -14.33 24.80
CA HIS B 218 -3.49 -14.85 26.16
C HIS B 218 -4.12 -13.84 27.12
N GLN B 219 -4.71 -14.34 28.21
CA GLN B 219 -5.24 -13.48 29.24
C GLN B 219 -4.11 -12.77 29.98
N ARG B 220 -3.24 -13.57 30.59
CA ARG B 220 -2.07 -13.06 31.28
C ARG B 220 -0.81 -13.69 30.69
N PHE B 221 0.34 -13.33 31.24
CA PHE B 221 1.58 -13.97 30.82
C PHE B 221 1.96 -15.08 31.77
N SER B 222 2.23 -16.26 31.24
CA SER B 222 2.80 -17.34 32.03
C SER B 222 3.76 -18.09 31.15
N VAL B 223 5.02 -18.15 31.55
CA VAL B 223 6.04 -18.48 30.60
C VAL B 223 5.80 -19.84 29.99
N SER B 224 5.45 -20.81 30.82
CA SER B 224 5.21 -22.17 30.34
C SER B 224 4.04 -22.21 29.35
N ASP B 225 3.00 -21.44 29.65
CA ASP B 225 1.82 -21.38 28.81
C ASP B 225 2.17 -20.74 27.46
N VAL B 226 3.02 -19.71 27.51
CA VAL B 226 3.37 -18.97 26.30
C VAL B 226 4.22 -19.78 25.33
N LEU B 227 5.17 -20.53 25.87
CA LEU B 227 6.09 -21.33 25.08
C LEU B 227 5.36 -22.49 24.40
N HIS B 228 4.40 -23.07 25.12
CA HIS B 228 3.58 -24.14 24.56
C HIS B 228 2.70 -23.59 23.43
N SER B 229 2.15 -22.40 23.64
CA SER B 229 1.32 -21.76 22.65
C SER B 229 2.14 -21.31 21.45
N ILE B 230 3.38 -20.92 21.70
CA ILE B 230 4.29 -20.50 20.64
C ILE B 230 4.54 -21.63 19.65
N ASN B 231 4.83 -22.82 20.17
CA ASN B 231 5.17 -23.96 19.32
C ASN B 231 3.95 -24.64 18.72
N ARG B 232 2.83 -24.62 19.43
CA ARG B 232 1.61 -25.25 18.94
C ARG B 232 1.03 -24.47 17.77
N HIS B 233 1.10 -23.15 17.84
CA HIS B 233 0.51 -22.30 16.80
C HIS B 233 1.56 -21.61 15.94
N GLU B 234 2.83 -21.95 16.16
CA GLU B 234 3.95 -21.43 15.37
C GLU B 234 3.99 -19.90 15.37
N VAL B 235 4.12 -19.32 16.55
CA VAL B 235 4.21 -17.86 16.70
C VAL B 235 5.52 -17.35 16.14
N THR B 236 5.45 -16.26 15.38
CA THR B 236 6.64 -15.66 14.80
C THR B 236 6.90 -14.27 15.36
N MET B 237 5.88 -13.67 15.96
CA MET B 237 5.99 -12.33 16.52
C MET B 237 5.44 -12.32 17.95
N ILE B 238 6.23 -11.78 18.88
CA ILE B 238 5.80 -11.73 20.28
C ILE B 238 6.03 -10.35 20.89
N SER B 239 5.00 -9.82 21.55
CA SER B 239 5.11 -8.57 22.27
C SER B 239 5.34 -8.86 23.76
N ALA B 240 6.27 -8.14 24.37
CA ALA B 240 6.61 -8.41 25.77
C ALA B 240 7.33 -7.24 26.44
N VAL B 241 7.21 -7.17 27.76
CA VAL B 241 8.01 -6.26 28.58
C VAL B 241 9.20 -7.05 29.14
N GLN B 242 10.13 -6.36 29.80
CA GLN B 242 11.36 -6.98 30.27
C GLN B 242 11.09 -8.13 31.24
N THR B 243 10.10 -7.95 32.10
CA THR B 243 9.75 -8.98 33.07
C THR B 243 9.38 -10.31 32.39
N MET B 244 8.75 -10.21 31.23
CA MET B 244 8.37 -11.38 30.45
C MET B 244 9.58 -11.95 29.72
N LEU B 245 10.43 -11.06 29.23
CA LEU B 245 11.63 -11.47 28.50
C LEU B 245 12.63 -12.16 29.43
N ALA B 246 12.76 -11.64 30.65
CA ALA B 246 13.65 -12.22 31.64
C ALA B 246 13.16 -13.60 32.08
N SER B 247 11.84 -13.77 32.07
CA SER B 247 11.22 -15.03 32.44
C SER B 247 11.45 -16.10 31.39
N LEU B 248 11.18 -15.75 30.13
CA LEU B 248 11.36 -16.68 29.02
C LEU B 248 12.82 -17.10 28.87
N LEU B 249 13.73 -16.22 29.28
CA LEU B 249 15.15 -16.53 29.26
C LEU B 249 15.52 -17.44 30.42
N GLU B 250 14.80 -17.29 31.53
CA GLU B 250 15.09 -18.07 32.74
C GLU B 250 14.34 -19.40 32.77
N GLU B 251 13.78 -19.79 31.63
CA GLU B 251 13.04 -21.04 31.54
C GLU B 251 13.70 -22.02 30.58
N THR B 252 14.02 -21.54 29.37
CA THR B 252 14.62 -22.40 28.36
C THR B 252 15.92 -21.82 27.82
N ASN B 253 16.82 -22.69 27.40
CA ASN B 253 18.09 -22.28 26.82
C ASN B 253 17.91 -21.80 25.39
N ARG B 254 17.40 -22.68 24.53
CA ARG B 254 17.21 -22.36 23.13
C ARG B 254 15.96 -21.52 22.89
N CYS B 255 16.07 -20.55 22.00
CA CYS B 255 14.92 -19.76 21.58
C CYS B 255 14.14 -20.53 20.52
N PRO B 256 12.81 -20.60 20.67
CA PRO B 256 11.95 -21.29 19.71
C PRO B 256 12.20 -20.81 18.28
N GLU B 257 12.56 -21.73 17.40
CA GLU B 257 12.93 -21.40 16.02
C GLU B 257 11.81 -20.68 15.28
N SER B 258 10.58 -20.83 15.77
CA SER B 258 9.42 -20.21 15.17
C SER B 258 9.42 -18.69 15.30
N ILE B 259 9.94 -18.20 16.42
CA ILE B 259 9.97 -16.77 16.69
C ILE B 259 11.00 -16.03 15.81
N ARG B 260 10.56 -14.96 15.17
CA ARG B 260 11.46 -14.14 14.37
C ARG B 260 11.59 -12.73 14.92
N CYS B 261 10.67 -12.33 15.79
N CYS B 261 10.66 -12.33 15.77
CA CYS B 261 10.71 -10.99 16.37
CA CYS B 261 10.68 -10.98 16.36
C CYS B 261 10.18 -10.95 17.79
C CYS B 261 10.18 -10.96 17.80
N ILE B 262 10.93 -10.30 18.67
CA ILE B 262 10.51 -10.11 20.05
C ILE B 262 10.48 -8.61 20.33
N LEU B 263 9.29 -8.03 20.23
CA LEU B 263 9.13 -6.58 20.37
C LEU B 263 9.06 -6.16 21.83
N LEU B 264 10.19 -5.73 22.37
CA LEU B 264 10.28 -5.30 23.75
C LEU B 264 9.91 -3.84 23.91
N GLY B 265 9.02 -3.55 24.85
CA GLY B 265 8.58 -2.19 25.11
C GLY B 265 8.62 -1.86 26.59
N GLY B 266 8.28 -0.63 26.92
CA GLY B 266 8.44 -0.15 28.29
C GLY B 266 9.90 0.17 28.54
N GLY B 267 10.28 0.26 29.81
CA GLY B 267 11.64 0.63 30.16
C GLY B 267 12.68 -0.43 29.85
N PRO B 268 13.97 -0.12 30.10
CA PRO B 268 15.12 -1.02 29.98
C PRO B 268 14.83 -2.41 30.53
N PRO B 270 17.78 -5.36 31.81
CA PRO B 270 18.22 -4.16 31.10
C PRO B 270 19.47 -4.39 30.25
N LEU B 271 20.46 -3.52 30.37
CA LEU B 271 21.68 -3.61 29.58
C LEU B 271 22.41 -4.97 29.69
N PRO B 272 22.53 -5.53 30.91
CA PRO B 272 23.14 -6.86 30.94
C PRO B 272 22.24 -7.96 30.37
N LEU B 273 20.93 -7.72 30.40
CA LEU B 273 19.96 -8.72 29.94
C LEU B 273 19.96 -8.87 28.43
N LEU B 274 20.28 -7.79 27.72
CA LEU B 274 20.30 -7.79 26.26
C LEU B 274 21.35 -8.76 25.72
N GLU B 275 22.53 -8.72 26.33
CA GLU B 275 23.64 -9.58 25.93
C GLU B 275 23.28 -11.05 26.10
N GLU B 276 22.43 -11.33 27.09
CA GLU B 276 21.99 -12.69 27.36
C GLU B 276 20.96 -13.17 26.33
N CYS B 277 20.48 -12.25 25.51
CA CYS B 277 19.51 -12.59 24.46
C CYS B 277 20.17 -12.63 23.09
N ARG B 278 21.07 -11.68 22.85
CA ARG B 278 21.80 -11.62 21.58
C ARG B 278 22.72 -12.83 21.43
N GLU B 279 23.11 -13.41 22.56
CA GLU B 279 23.99 -14.56 22.56
C GLU B 279 23.21 -15.88 22.63
N LYS B 280 21.93 -15.78 22.97
CA LYS B 280 21.09 -16.96 23.12
C LYS B 280 20.17 -17.18 21.92
N GLY B 281 20.23 -16.26 20.97
CA GLY B 281 19.47 -16.40 19.73
C GLY B 281 18.05 -15.87 19.80
N PHE B 282 17.80 -14.96 20.73
CA PHE B 282 16.49 -14.32 20.85
C PHE B 282 16.46 -12.99 20.10
N PRO B 283 15.66 -12.92 19.02
CA PRO B 283 15.58 -11.70 18.20
C PRO B 283 14.79 -10.58 18.86
N VAL B 284 15.30 -10.06 19.97
CA VAL B 284 14.63 -9.00 20.71
C VAL B 284 14.73 -7.65 20.01
N PHE B 285 13.61 -6.94 19.93
CA PHE B 285 13.57 -5.61 19.36
C PHE B 285 13.24 -4.56 20.42
N GLN B 286 14.24 -3.82 20.87
CA GLN B 286 14.02 -2.74 21.82
C GLN B 286 13.26 -1.61 21.14
N SER B 287 12.38 -0.95 21.88
CA SER B 287 11.55 0.10 21.31
C SER B 287 11.21 1.23 22.28
N TYR B 288 10.98 2.41 21.73
CA TYR B 288 10.51 3.55 22.50
C TYR B 288 9.17 4.02 21.93
N GLY B 289 8.12 3.84 22.71
CA GLY B 289 6.79 4.25 22.31
C GLY B 289 5.95 4.65 23.51
N MET B 290 4.78 5.20 23.24
CA MET B 290 3.88 5.61 24.31
C MET B 290 2.43 5.64 23.80
N THR B 291 1.48 5.71 24.73
CA THR B 291 0.07 5.83 24.40
C THR B 291 -0.15 6.99 23.43
N GLU B 292 0.59 8.08 23.68
CA GLU B 292 0.56 9.27 22.85
C GLU B 292 0.84 8.98 21.37
N THR B 293 1.76 8.04 21.12
CA THR B 293 2.15 7.72 19.74
C THR B 293 1.53 6.40 19.28
N CYS B 294 0.48 5.97 19.95
CA CYS B 294 -0.30 4.85 19.50
C CYS B 294 0.56 3.64 19.32
N SER B 295 1.50 3.47 20.23
CA SER B 295 2.53 2.43 20.24
C SER B 295 3.90 2.95 19.89
N GLN B 296 4.77 2.05 19.47
CA GLN B 296 6.17 2.35 19.20
C GLN B 296 6.35 3.39 18.12
N ILE B 297 7.35 4.24 18.29
CA ILE B 297 7.66 5.26 17.31
C ILE B 297 9.16 5.20 17.00
N VAL B 298 9.88 4.47 17.84
CA VAL B 298 11.31 4.23 17.66
C VAL B 298 11.64 2.79 18.03
N THR B 299 12.26 2.07 17.10
CA THR B 299 12.67 0.68 17.37
C THR B 299 14.14 0.47 17.07
N LEU B 300 14.71 -0.58 17.65
CA LEU B 300 16.15 -0.85 17.54
C LEU B 300 16.40 -2.26 17.01
N SER B 301 16.98 -2.34 15.81
CA SER B 301 17.28 -3.63 15.19
C SER B 301 18.38 -4.37 15.96
N PRO B 302 18.19 -5.68 16.16
CA PRO B 302 19.12 -6.54 16.92
C PRO B 302 20.55 -6.48 16.38
N GLU B 303 20.70 -6.29 15.07
CA GLU B 303 22.01 -6.22 14.44
C GLU B 303 22.83 -5.04 14.96
N PHE B 304 22.14 -3.97 15.34
CA PHE B 304 22.81 -2.80 15.90
C PHE B 304 22.42 -2.59 17.36
N SER B 305 22.78 -3.55 18.21
CA SER B 305 22.50 -3.43 19.64
C SER B 305 23.78 -3.46 20.47
N MET B 306 24.81 -4.08 19.92
CA MET B 306 26.13 -4.07 20.54
C MET B 306 26.77 -2.70 20.34
N GLU B 307 26.70 -2.20 19.11
CA GLU B 307 27.23 -0.88 18.77
C GLU B 307 26.39 0.22 19.40
N LYS B 308 25.07 0.02 19.43
CA LYS B 308 24.16 1.02 19.97
C LYS B 308 23.96 0.86 21.47
N LEU B 309 24.60 -0.16 22.05
CA LEU B 309 24.53 -0.42 23.49
C LEU B 309 23.08 -0.49 23.98
N GLY B 310 22.72 0.47 24.83
CA GLY B 310 21.35 0.57 25.33
C GLY B 310 20.60 1.71 24.69
N SER B 311 20.38 1.61 23.37
CA SER B 311 19.71 2.67 22.62
C SER B 311 18.25 2.33 22.36
N ALA B 312 17.44 3.37 22.15
CA ALA B 312 16.04 3.19 21.80
C ALA B 312 15.90 2.81 20.32
N GLY B 313 16.86 3.27 19.52
CA GLY B 313 16.88 2.96 18.11
C GLY B 313 16.69 4.19 17.24
N LYS B 314 16.00 4.01 16.12
CA LYS B 314 15.76 5.09 15.18
C LYS B 314 14.25 5.20 14.91
N PRO B 315 13.79 6.36 14.42
CA PRO B 315 12.35 6.53 14.17
C PRO B 315 11.83 5.55 13.13
N LEU B 316 10.59 5.10 13.30
CA LEU B 316 9.93 4.33 12.26
C LEU B 316 9.71 5.23 11.04
N PHE B 317 9.52 4.62 9.88
CA PHE B 317 9.28 5.41 8.68
C PHE B 317 8.04 6.28 8.87
N SER B 318 8.09 7.48 8.28
CA SER B 318 7.07 8.53 8.42
C SER B 318 7.16 9.26 9.76
N CYS B 319 8.04 8.80 10.63
CA CYS B 319 8.11 9.37 11.99
C CYS B 319 9.41 10.11 12.25
N GLU B 320 9.36 11.07 13.16
CA GLU B 320 10.50 11.94 13.45
C GLU B 320 10.71 12.15 14.94
N ILE B 321 11.97 12.25 15.36
CA ILE B 321 12.29 12.61 16.73
C ILE B 321 13.38 13.69 16.77
N LYS B 322 13.29 14.57 17.77
CA LYS B 322 14.32 15.58 17.97
C LYS B 322 14.54 15.82 19.47
N ILE B 323 15.69 16.38 19.81
CA ILE B 323 16.03 16.69 21.19
C ILE B 323 16.13 18.19 21.38
N GLU B 324 15.36 18.73 22.33
CA GLU B 324 15.33 20.17 22.55
C GLU B 324 15.62 20.58 23.98
N ARG B 325 16.25 21.75 24.14
CA ARG B 325 16.50 22.35 25.44
C ARG B 325 16.45 23.87 25.32
N ASP B 326 15.60 24.49 26.13
CA ASP B 326 15.42 25.94 26.14
C ASP B 326 15.03 26.48 24.77
N GLY B 327 14.16 25.75 24.08
CA GLY B 327 13.64 26.19 22.80
C GLY B 327 14.58 25.98 21.63
N GLN B 328 15.82 25.61 21.93
CA GLN B 328 16.82 25.40 20.89
C GLN B 328 17.11 23.92 20.68
N VAL B 329 17.56 23.58 19.48
CA VAL B 329 17.86 22.19 19.13
C VAL B 329 19.16 21.74 19.80
N CYS B 330 19.23 20.46 20.17
CA CYS B 330 20.40 19.93 20.85
C CYS B 330 21.35 19.22 19.89
N GLU B 331 22.64 19.50 20.06
CA GLU B 331 23.69 18.83 19.30
C GLU B 331 23.75 17.35 19.70
N PRO B 332 24.44 16.52 18.91
CA PRO B 332 24.63 15.11 19.31
C PRO B 332 25.20 14.98 20.73
N TYR B 333 24.67 14.03 21.48
CA TYR B 333 25.09 13.73 22.86
C TYR B 333 24.74 14.84 23.85
N GLU B 334 24.22 15.97 23.36
CA GLU B 334 23.75 17.04 24.23
C GLU B 334 22.33 16.76 24.69
N HIS B 335 22.13 16.71 26.01
CA HIS B 335 20.86 16.31 26.59
C HIS B 335 19.73 17.32 26.35
N GLY B 336 18.51 16.84 26.42
CA GLY B 336 17.33 17.68 26.26
C GLY B 336 16.06 16.84 26.27
N GLU B 337 14.93 17.47 25.99
CA GLU B 337 13.66 16.75 25.96
C GLU B 337 13.42 16.09 24.60
N ILE B 338 12.97 14.85 24.62
CA ILE B 338 12.63 14.12 23.40
C ILE B 338 11.29 14.61 22.86
N MET B 339 11.25 14.93 21.58
CA MET B 339 10.03 15.38 20.94
C MET B 339 9.72 14.54 19.69
N VAL B 340 8.50 14.02 19.61
CA VAL B 340 8.12 13.13 18.52
C VAL B 340 7.18 13.80 17.53
N LYS B 341 7.11 13.23 16.33
CA LYS B 341 6.25 13.75 15.27
C LYS B 341 5.97 12.67 14.24
N GLY B 342 4.72 12.58 13.79
CA GLY B 342 4.34 11.58 12.81
C GLY B 342 2.84 11.35 12.76
N PRO B 343 2.36 10.70 11.70
CA PRO B 343 0.92 10.43 11.53
C PRO B 343 0.39 9.44 12.57
N ASN B 344 1.27 8.82 13.33
CA ASN B 344 0.86 7.92 14.40
C ASN B 344 0.71 8.63 15.74
N VAL B 345 1.10 9.91 15.78
CA VAL B 345 1.05 10.69 17.01
C VAL B 345 -0.35 11.24 17.25
N MET B 346 -0.78 11.23 18.50
CA MET B 346 -2.15 11.60 18.86
C MET B 346 -2.49 13.05 18.53
N LYS B 347 -3.73 13.25 18.06
CA LYS B 347 -4.24 14.57 17.70
C LYS B 347 -4.17 15.53 18.89
N SER B 348 -4.83 15.17 19.99
CA SER B 348 -4.93 16.01 21.17
C SER B 348 -5.50 15.22 22.34
N TYR B 349 -5.21 15.68 23.56
CA TYR B 349 -5.83 15.11 24.75
C TYR B 349 -7.30 15.50 24.78
N PHE B 350 -8.14 14.63 25.32
CA PHE B 350 -9.56 14.92 25.42
C PHE B 350 -9.84 15.88 26.57
N ASN B 351 -10.43 17.03 26.24
CA ASN B 351 -10.83 18.03 27.22
C ASN B 351 -9.68 18.47 28.12
N ARG B 352 -8.53 18.75 27.51
CA ARG B 352 -7.35 19.23 28.24
C ARG B 352 -6.66 20.33 27.45
N GLU B 353 -7.32 21.47 27.30
CA GLU B 353 -6.79 22.57 26.48
C GLU B 353 -5.42 23.03 26.95
N SER B 354 -5.23 23.12 28.26
CA SER B 354 -3.96 23.55 28.83
C SER B 354 -2.83 22.59 28.46
N ALA B 355 -3.04 21.31 28.72
CA ALA B 355 -2.05 20.29 28.42
C ALA B 355 -1.74 20.23 26.93
N ASN B 356 -2.75 20.50 26.11
CA ASN B 356 -2.59 20.46 24.66
C ASN B 356 -1.65 21.55 24.14
N GLU B 357 -1.86 22.78 24.59
CA GLU B 357 -1.00 23.89 24.19
C GLU B 357 0.40 23.74 24.76
N ALA B 358 0.49 23.20 25.97
CA ALA B 358 1.77 23.00 26.65
C ALA B 358 2.62 21.91 25.98
N SER B 359 1.97 20.91 25.40
CA SER B 359 2.66 19.73 24.90
C SER B 359 2.95 19.77 23.40
N PHE B 360 2.26 20.64 22.68
CA PHE B 360 2.43 20.71 21.23
C PHE B 360 3.03 22.03 20.77
N GLN B 361 4.17 21.95 20.10
CA GLN B 361 4.80 23.11 19.49
C GLN B 361 5.07 22.82 18.01
N ASN B 362 4.25 23.41 17.14
CA ASN B 362 4.37 23.25 15.70
C ASN B 362 4.30 21.80 15.23
N GLY B 363 3.26 21.10 15.63
CA GLY B 363 3.05 19.72 15.20
C GLY B 363 3.98 18.73 15.87
N TRP B 364 4.79 19.20 16.81
CA TRP B 364 5.69 18.34 17.56
C TRP B 364 5.14 18.06 18.95
N LEU B 365 5.28 16.82 19.40
CA LEU B 365 4.80 16.44 20.72
C LEU B 365 5.96 16.36 21.72
N LYS B 366 5.97 17.28 22.67
CA LYS B 366 6.91 17.20 23.79
C LYS B 366 6.52 16.00 24.65
N THR B 367 7.43 15.03 24.75
CA THR B 367 7.11 13.74 25.37
C THR B 367 7.18 13.77 26.89
N GLY B 368 7.83 14.79 27.45
CA GLY B 368 8.05 14.85 28.88
C GLY B 368 9.16 13.91 29.29
N ASP B 369 9.88 13.39 28.29
CA ASP B 369 11.00 12.50 28.53
C ASP B 369 12.30 13.17 28.12
N LEU B 370 13.41 12.62 28.60
CA LEU B 370 14.71 13.18 28.27
C LEU B 370 15.59 12.17 27.55
N GLY B 371 16.53 12.67 26.75
CA GLY B 371 17.44 11.81 26.02
C GLY B 371 18.37 12.58 25.11
N TYR B 372 19.04 11.86 24.21
CA TYR B 372 19.93 12.49 23.25
C TYR B 372 20.10 11.59 22.04
N LEU B 373 20.85 12.07 21.06
CA LEU B 373 21.15 11.29 19.87
C LEU B 373 22.66 11.16 19.70
N ASP B 374 23.12 9.96 19.35
CA ASP B 374 24.54 9.77 19.08
C ASP B 374 24.88 10.34 17.71
N ASN B 375 26.13 10.16 17.29
CA ASN B 375 26.57 10.63 15.98
C ASN B 375 25.74 10.01 14.85
N GLU B 376 25.33 8.76 15.04
CA GLU B 376 24.61 8.04 14.00
C GLU B 376 23.10 8.21 14.13
N GLY B 377 22.68 9.09 15.02
CA GLY B 377 21.28 9.48 15.14
C GLY B 377 20.41 8.53 15.95
N PHE B 378 21.03 7.57 16.63
CA PHE B 378 20.30 6.65 17.50
C PHE B 378 19.85 7.35 18.76
N LEU B 379 18.62 7.07 19.19
CA LEU B 379 18.08 7.67 20.39
C LEU B 379 18.52 6.94 21.65
N TYR B 380 19.08 7.69 22.59
CA TYR B 380 19.40 7.16 23.90
C TYR B 380 18.58 7.95 24.90
N VAL B 381 17.78 7.21 25.64
CA VAL B 381 16.70 7.76 26.45
C VAL B 381 17.07 7.72 27.92
N LEU B 382 16.77 8.81 28.64
CA LEU B 382 17.19 8.88 30.03
C LEU B 382 16.06 8.76 31.04
N ASP B 383 15.35 9.85 31.29
CA ASP B 383 14.26 9.81 32.25
C ASP B 383 13.29 10.96 32.06
N ARG B 384 12.21 10.92 32.82
CA ARG B 384 11.20 11.95 32.81
C ARG B 384 11.73 13.16 33.53
N ARG B 385 11.09 14.31 33.34
CA ARG B 385 11.41 15.53 34.07
C ARG B 385 11.89 15.27 35.50
CL CL C . 12.36 -4.07 5.60
CL CL D . -1.45 15.23 -30.41
CL CL E . -22.97 -1.19 -21.23
C1 PEG F . -1.98 -13.76 -1.87
O1 PEG F . -0.79 -13.53 -1.16
C2 PEG F . -3.02 -12.70 -1.50
O2 PEG F . -4.18 -12.84 -2.32
C3 PEG F . -5.39 -12.36 -1.71
C4 PEG F . -6.42 -12.20 -2.72
O4 PEG F . -5.82 -11.88 -3.94
P AMP G . -2.19 2.42 -18.24
O1P AMP G . -1.31 2.96 -19.31
O2P AMP G . -3.00 3.60 -17.90
O5' AMP G . -3.12 1.21 -18.79
C5' AMP G . -4.36 0.93 -18.10
C4' AMP G . -5.35 0.39 -19.05
O4' AMP G . -4.96 -1.01 -19.47
C3' AMP G . -6.68 0.34 -18.41
O3' AMP G . -7.61 1.25 -19.11
C2' AMP G . -7.18 -1.03 -18.50
O2' AMP G . -8.41 -1.05 -19.27
C1' AMP G . -6.16 -1.86 -19.16
N9 AMP G . -5.79 -2.91 -18.32
C8 AMP G . -4.78 -2.81 -17.29
N7 AMP G . -4.73 -4.08 -16.69
C5 AMP G . -5.67 -4.92 -17.30
C6 AMP G . -6.02 -6.24 -17.13
N6 AMP G . -5.44 -6.99 -16.07
N1 AMP G . -6.94 -6.76 -17.87
C2 AMP G . -7.58 -6.18 -18.81
N3 AMP G . -7.31 -4.86 -19.08
C4 AMP G . -6.33 -4.16 -18.35
O1 OSB H . 2.66 -2.08 -11.01
O2 OSB H . 0.57 -2.45 -11.50
C7 OSB H . 1.79 -2.53 -11.80
C6 OSB H . 2.04 -3.21 -15.49
C5 OSB H . 2.93 -4.30 -15.49
C4 OSB H . 3.43 -4.80 -14.28
C3 OSB H . 3.06 -4.23 -13.09
C2 OSB H . 2.18 -3.14 -13.08
C1 OSB H . 1.67 -2.64 -14.30
C8 OSB H . 0.71 -1.45 -14.30
C9 OSB H . -0.41 -1.35 -15.36
O3 OSB H . 0.83 -0.57 -13.46
C10 OSB H . -1.03 0.03 -15.32
C11 OSB H . -1.27 0.53 -16.72
O4 OSB H . -1.40 -0.28 -17.63
O5 OSB H . -1.33 1.91 -16.99
CL CL I . 2.77 3.49 16.64
MG MG J . -9.26 -0.22 4.63
N1 IMD K . 0.19 -11.98 2.67
C2 IMD K . -0.88 -11.14 2.60
N3 IMD K . -0.88 -10.38 3.73
C4 IMD K . 0.17 -10.74 4.47
C5 IMD K . 0.83 -11.74 3.82
P AMP L . 2.89 4.20 28.15
O1P AMP L . 1.89 4.14 29.24
O2P AMP L . 2.39 5.36 27.37
O5' AMP L . 4.38 4.46 28.70
C5' AMP L . 5.27 5.31 27.94
C4' AMP L . 6.30 5.87 28.83
O4' AMP L . 7.28 4.79 29.21
C3' AMP L . 7.04 6.93 28.12
O3' AMP L . 6.79 8.23 28.77
C2' AMP L . 8.46 6.63 28.17
O2' AMP L . 9.16 7.67 28.89
C1' AMP L . 8.64 5.34 28.87
N9 AMP L . 9.32 4.43 28.04
C8 AMP L . 8.68 3.61 27.05
N7 AMP L . 9.71 2.87 26.46
C5 AMP L . 10.94 3.23 27.05
C6 AMP L . 12.23 2.82 26.86
N6 AMP L . 12.55 1.90 25.83
N1 AMP L . 13.19 3.35 27.57
C2 AMP L . 13.05 4.23 28.48
N3 AMP L . 11.79 4.72 28.76
C4 AMP L . 10.66 4.23 28.06
O1 OSB M . 5.41 -0.60 21.08
O2 OSB M . 3.96 -2.16 20.59
C7 OSB M . 4.78 -1.65 21.40
C6 OSB M . 5.04 -2.15 25.11
C5 OSB M . 5.48 -3.47 25.18
C4 OSB M . 5.69 -4.21 23.99
C3 OSB M . 5.46 -3.61 22.77
C2 OSB M . 5.03 -2.28 22.71
C1 OSB M . 4.81 -1.55 23.90
C8 OSB M . 4.34 -0.11 23.84
C9 OSB M . 4.90 0.95 24.82
O3 OSB M . 3.52 0.23 23.00
C10 OSB M . 3.84 2.01 25.09
C11 OSB M . 3.99 2.53 26.50
O4 OSB M . 2.85 2.87 27.26
O5 OSB M . 5.10 2.65 26.99
#